data_7M40
#
_entry.id   7M40
#
_cell.length_a   75.820
_cell.length_b   59.857
_cell.length_c   102.011
_cell.angle_alpha   90.000
_cell.angle_beta   93.730
_cell.angle_gamma   90.000
#
_symmetry.space_group_name_H-M   'P 1 21 1'
#
loop_
_entity.id
_entity.type
_entity.pdbx_description
1 polymer 'Histone-binding protein RBBP4'
2 non-polymer N~3~-{4-[3-(dimethylamino)pyrrolidin-1-yl]-6,7-dimethoxyquinazolin-2-yl}-N~1~,N~1~-dimethylpropane-1,3-diamine
3 water water
#
_entity_poly.entity_id   1
_entity_poly.type   'polypeptide(L)'
_entity_poly.pdbx_seq_one_letter_code
;MHHHHHHSSGRENLYFQGMADKEAAFDDAVEERVINEEYKIWKKNTPFLYDLVMTHALEWPSLTAQWLPDVTRPEGKDFS
IHRLVLGTHTSDEQNHLVIASVQLPNDDAQFDASHYDSEKGEFGGFGSVSGKIEIEIKINHEGEVNRARYMPQNPCIIAT
KTPSSDVLVFDYTKHPSKPDPSGECNPDLRLRGHQKEGYGLSWNPNLSGHLLSASDDHTICLWDISAVPKEGKVVDAKTI
FTGHTAVVEDVSWHLLHESLFGSVADDQKLMIWDTRSNNTSKPSHSVDAHTAEVNCLSFNPYSEFILATGSADKTVALWD
LRNLKLKLHSFESHKDEIFQVQWSPHNETILASSGTDRRLNVWDLSKIGEEQSPEDAEDGPPELLFIHGGHTAKISDFSW
NPNEPWVICSVSEDNIMQVWQMAENIYNDEDPEGSVDPEGQGS
;
_entity_poly.pdbx_strand_id   A,B
#
# COMPACT_ATOMS: atom_id res chain seq x y z
N PHE A 26 -24.42 2.81 -21.60
CA PHE A 26 -25.84 3.07 -21.98
C PHE A 26 -26.75 2.80 -20.77
N ASP A 27 -26.38 1.85 -19.92
CA ASP A 27 -27.18 1.48 -18.71
C ASP A 27 -26.74 2.37 -17.54
N ASP A 28 -25.44 2.70 -17.44
CA ASP A 28 -24.90 3.76 -16.54
C ASP A 28 -25.46 5.11 -16.99
N ALA A 29 -25.62 5.30 -18.30
CA ALA A 29 -26.21 6.51 -18.93
C ALA A 29 -27.70 6.65 -18.58
N VAL A 30 -28.48 5.56 -18.71
CA VAL A 30 -29.95 5.53 -18.45
C VAL A 30 -30.20 5.58 -16.93
N GLU A 31 -29.47 4.78 -16.13
CA GLU A 31 -29.50 4.88 -14.63
C GLU A 31 -29.31 6.36 -14.25
N GLU A 32 -28.21 6.98 -14.68
CA GLU A 32 -27.80 8.35 -14.27
C GLU A 32 -28.98 9.33 -14.38
N ARG A 33 -29.78 9.22 -15.44
CA ARG A 33 -30.89 10.17 -15.71
C ARG A 33 -32.05 9.90 -14.73
N VAL A 34 -32.32 8.62 -14.42
CA VAL A 34 -33.34 8.18 -13.42
C VAL A 34 -32.95 8.70 -12.03
N ILE A 35 -31.69 8.44 -11.62
CA ILE A 35 -31.10 8.91 -10.34
C ILE A 35 -31.45 10.39 -10.14
N ASN A 36 -31.25 11.21 -11.20
CA ASN A 36 -31.46 12.68 -11.19
C ASN A 36 -32.96 12.99 -11.04
N GLU A 37 -33.82 12.27 -11.75
CA GLU A 37 -35.29 12.34 -11.57
C GLU A 37 -35.57 12.23 -10.07
N GLU A 38 -35.08 11.16 -9.45
CA GLU A 38 -35.43 10.74 -8.06
C GLU A 38 -34.80 11.71 -7.05
N TYR A 39 -33.59 12.20 -7.33
CA TYR A 39 -32.86 13.16 -6.46
C TYR A 39 -33.60 14.51 -6.39
N LYS A 40 -34.10 14.99 -7.52
CA LYS A 40 -34.90 16.25 -7.61
C LYS A 40 -36.07 16.17 -6.62
N ILE A 41 -36.81 15.04 -6.64
CA ILE A 41 -37.99 14.73 -5.77
C ILE A 41 -37.53 14.66 -4.31
N TRP A 42 -36.35 14.07 -4.07
CA TRP A 42 -35.78 13.96 -2.71
C TRP A 42 -35.53 15.37 -2.15
N LYS A 43 -34.82 16.24 -2.87
CA LYS A 43 -34.59 17.66 -2.47
C LYS A 43 -35.94 18.33 -2.16
N LYS A 44 -36.92 18.18 -3.06
CA LYS A 44 -38.32 18.66 -2.85
C LYS A 44 -38.73 18.35 -1.39
N ASN A 45 -38.59 17.09 -0.97
CA ASN A 45 -39.32 16.54 0.21
C ASN A 45 -38.51 16.70 1.50
N THR A 46 -37.28 17.21 1.45
CA THR A 46 -36.34 17.20 2.63
C THR A 46 -36.92 17.93 3.83
N PRO A 47 -37.59 19.10 3.68
CA PRO A 47 -38.19 19.77 4.84
C PRO A 47 -39.18 18.91 5.62
N PHE A 48 -39.93 18.05 4.90
CA PHE A 48 -40.94 17.11 5.46
C PHE A 48 -40.23 15.92 6.14
N LEU A 49 -39.12 15.42 5.59
CA LEU A 49 -38.52 14.09 5.97
C LEU A 49 -37.39 14.26 6.99
N TYR A 50 -36.84 15.46 7.16
CA TYR A 50 -35.61 15.68 7.96
C TYR A 50 -35.79 16.86 8.91
N ASP A 51 -35.05 16.83 10.02
CA ASP A 51 -34.81 17.98 10.94
C ASP A 51 -33.40 18.55 10.68
N LEU A 52 -32.56 17.86 9.92
CA LEU A 52 -31.22 18.38 9.56
C LEU A 52 -30.72 17.72 8.28
N VAL A 53 -30.20 18.52 7.34
CA VAL A 53 -29.48 18.04 6.13
C VAL A 53 -28.34 19.01 5.85
N MET A 54 -27.10 18.53 5.95
CA MET A 54 -25.88 19.24 5.53
C MET A 54 -25.21 18.39 4.46
N THR A 55 -24.87 18.98 3.32
CA THR A 55 -24.13 18.31 2.22
C THR A 55 -22.79 18.99 2.06
N HIS A 56 -21.72 18.22 1.94
CA HIS A 56 -20.35 18.75 1.76
C HIS A 56 -19.64 17.88 0.72
N ALA A 57 -19.11 18.51 -0.33
CA ALA A 57 -18.26 17.83 -1.33
C ALA A 57 -16.85 17.81 -0.77
N LEU A 58 -16.33 16.62 -0.50
CA LEU A 58 -14.95 16.44 -0.02
C LEU A 58 -14.02 16.62 -1.21
N GLU A 59 -12.75 16.98 -0.96
CA GLU A 59 -11.74 17.07 -2.04
C GLU A 59 -11.65 15.74 -2.79
N TRP A 60 -11.67 14.63 -2.05
CA TRP A 60 -11.65 13.25 -2.62
C TRP A 60 -12.72 12.41 -1.93
N PRO A 61 -13.22 11.35 -2.61
CA PRO A 61 -14.13 10.41 -1.97
C PRO A 61 -13.45 9.78 -0.75
N SER A 62 -14.22 9.61 0.32
CA SER A 62 -13.83 8.81 1.51
C SER A 62 -14.53 7.46 1.45
N LEU A 63 -13.78 6.40 1.67
CA LEU A 63 -14.28 5.01 1.80
C LEU A 63 -14.78 4.77 3.22
N THR A 64 -14.55 5.72 4.14
CA THR A 64 -14.65 5.47 5.59
C THR A 64 -15.24 6.71 6.31
N ALA A 65 -16.04 6.48 7.35
CA ALA A 65 -16.52 7.55 8.23
C ALA A 65 -16.70 7.01 9.62
N GLN A 66 -16.23 7.73 10.62
CA GLN A 66 -16.45 7.38 12.02
C GLN A 66 -16.40 8.67 12.86
N TRP A 67 -17.50 9.00 13.53
CA TRP A 67 -17.52 10.08 14.53
C TRP A 67 -16.51 9.76 15.61
N LEU A 68 -15.66 10.72 15.97
CA LEU A 68 -14.87 10.65 17.24
C LEU A 68 -15.84 10.85 18.37
N PRO A 69 -15.52 10.37 19.59
CA PRO A 69 -16.50 10.36 20.71
C PRO A 69 -16.69 11.70 21.45
N ASP A 70 -15.74 12.63 21.27
CA ASP A 70 -15.70 13.96 21.94
C ASP A 70 -16.64 14.96 21.25
N VAL A 71 -17.28 15.80 22.04
CA VAL A 71 -17.99 17.01 21.58
C VAL A 71 -17.51 18.17 22.47
N THR A 72 -17.28 19.35 21.89
CA THR A 72 -17.02 20.59 22.64
C THR A 72 -18.20 21.54 22.38
N ARG A 73 -18.71 22.19 23.43
CA ARG A 73 -19.91 23.07 23.36
C ARG A 73 -19.50 24.52 23.69
N PRO A 74 -18.93 25.30 22.74
CA PRO A 74 -18.38 26.62 23.07
C PRO A 74 -19.35 27.40 23.95
N GLU A 75 -18.87 27.87 25.12
CA GLU A 75 -19.66 28.43 26.27
C GLU A 75 -20.86 29.23 25.75
N GLY A 76 -20.62 30.24 24.92
CA GLY A 76 -21.67 31.00 24.21
C GLY A 76 -21.72 30.63 22.74
N LYS A 77 -22.69 29.78 22.37
CA LYS A 77 -23.04 29.48 20.95
C LYS A 77 -24.28 28.57 20.91
N ASP A 78 -24.97 28.52 19.76
CA ASP A 78 -26.20 27.72 19.53
C ASP A 78 -25.84 26.38 18.84
N PHE A 79 -24.55 26.03 18.76
CA PHE A 79 -24.01 24.82 18.08
C PHE A 79 -22.90 24.19 18.94
N SER A 80 -22.63 22.89 18.71
CA SER A 80 -21.50 22.13 19.31
C SER A 80 -20.60 21.61 18.19
N ILE A 81 -19.35 21.35 18.51
CA ILE A 81 -18.30 20.91 17.53
C ILE A 81 -18.07 19.41 17.74
N HIS A 82 -18.28 18.65 16.67
CA HIS A 82 -18.11 17.18 16.59
C HIS A 82 -17.00 16.93 15.59
N ARG A 83 -16.39 15.76 15.64
CA ARG A 83 -15.29 15.45 14.71
C ARG A 83 -15.47 14.06 14.09
N LEU A 84 -15.01 13.93 12.86
CA LEU A 84 -15.08 12.69 12.03
C LEU A 84 -13.68 12.27 11.67
N VAL A 85 -13.44 10.96 11.71
CA VAL A 85 -12.30 10.29 11.03
C VAL A 85 -12.75 9.96 9.59
N LEU A 86 -12.07 10.56 8.60
CA LEU A 86 -12.29 10.34 7.16
C LEU A 86 -10.98 9.90 6.51
N GLY A 87 -11.04 9.55 5.25
CA GLY A 87 -9.85 9.23 4.45
C GLY A 87 -10.05 9.67 3.03
N THR A 88 -9.04 9.47 2.19
CA THR A 88 -9.13 9.77 0.74
C THR A 88 -9.06 8.48 -0.04
N HIS A 89 -9.54 8.56 -1.26
CA HIS A 89 -9.44 7.51 -2.29
C HIS A 89 -9.12 8.22 -3.60
N THR A 90 -7.83 8.44 -3.84
CA THR A 90 -7.31 9.01 -5.10
C THR A 90 -6.21 8.08 -5.63
N SER A 91 -6.20 7.86 -6.95
CA SER A 91 -5.20 7.02 -7.65
C SER A 91 -3.93 7.84 -7.97
N ASP A 92 -3.79 9.05 -7.42
CA ASP A 92 -2.50 9.80 -7.36
C ASP A 92 -1.76 9.38 -6.07
N GLU A 93 -0.63 10.01 -5.72
CA GLU A 93 0.21 9.60 -4.54
C GLU A 93 0.06 10.61 -3.39
N GLN A 94 -1.11 11.24 -3.27
CA GLN A 94 -1.34 12.27 -2.22
C GLN A 94 -2.58 11.86 -1.40
N ASN A 95 -2.57 10.65 -0.84
CA ASN A 95 -3.69 10.15 0.02
C ASN A 95 -3.44 10.63 1.44
N HIS A 96 -4.52 10.97 2.16
CA HIS A 96 -4.48 11.47 3.55
C HIS A 96 -5.50 10.73 4.41
N LEU A 97 -5.09 10.42 5.63
CA LEU A 97 -5.98 10.26 6.79
C LEU A 97 -6.39 11.66 7.23
N VAL A 98 -7.69 11.87 7.47
CA VAL A 98 -8.34 13.20 7.58
C VAL A 98 -9.17 13.24 8.85
N ILE A 99 -9.03 14.32 9.65
CA ILE A 99 -9.98 14.65 10.75
C ILE A 99 -10.72 15.92 10.32
N ALA A 100 -12.05 15.85 10.26
CA ALA A 100 -12.94 17.00 9.95
C ALA A 100 -13.76 17.40 11.19
N SER A 101 -14.09 18.68 11.29
CA SER A 101 -14.96 19.26 12.33
C SER A 101 -16.34 19.52 11.73
N VAL A 102 -17.37 19.33 12.52
CA VAL A 102 -18.78 19.52 12.11
C VAL A 102 -19.48 20.27 13.23
N GLN A 103 -20.01 21.45 12.92
CA GLN A 103 -20.92 22.20 13.80
C GLN A 103 -22.33 21.67 13.63
N LEU A 104 -22.96 21.28 14.73
CA LEU A 104 -24.34 20.77 14.79
C LEU A 104 -25.12 21.66 15.76
N PRO A 105 -26.42 21.93 15.49
CA PRO A 105 -27.25 22.68 16.44
C PRO A 105 -27.29 22.01 17.82
N ASN A 106 -27.43 22.80 18.88
CA ASN A 106 -27.64 22.30 20.27
C ASN A 106 -29.08 21.79 20.40
N ASP A 107 -29.36 21.01 21.45
CA ASP A 107 -30.74 20.64 21.88
C ASP A 107 -31.48 21.93 22.28
N ASP A 108 -30.78 22.86 22.96
CA ASP A 108 -31.24 24.25 23.25
C ASP A 108 -30.79 25.16 22.11
N ALA A 109 -31.65 25.35 21.08
CA ALA A 109 -31.36 26.20 19.88
C ALA A 109 -32.62 26.38 19.03
N GLN A 110 -32.81 27.58 18.46
CA GLN A 110 -33.98 27.97 17.61
C GLN A 110 -33.95 27.17 16.30
N PHE A 111 -35.01 26.40 16.03
CA PHE A 111 -35.24 25.64 14.76
C PHE A 111 -35.58 26.65 13.65
N ASP A 112 -34.84 26.60 12.53
CA ASP A 112 -35.00 27.53 11.38
C ASP A 112 -34.48 26.88 10.08
N ALA A 113 -34.44 27.67 9.01
CA ALA A 113 -34.11 27.25 7.62
C ALA A 113 -32.63 26.88 7.48
N SER A 114 -31.76 27.36 8.38
CA SER A 114 -30.29 27.04 8.39
C SER A 114 -30.07 25.53 8.63
N HIS A 115 -31.08 24.81 9.15
CA HIS A 115 -31.08 23.33 9.34
C HIS A 115 -31.17 22.60 7.98
N TYR A 116 -31.61 23.28 6.90
CA TYR A 116 -31.75 22.71 5.54
C TYR A 116 -30.81 23.43 4.55
N ASP A 117 -29.61 23.80 5.01
CA ASP A 117 -28.57 24.57 4.25
C ASP A 117 -29.20 25.81 3.56
N SER A 118 -30.04 26.58 4.29
CA SER A 118 -30.84 27.75 3.78
C SER A 118 -30.62 28.99 4.66
N GLU A 119 -30.14 30.09 4.05
CA GLU A 119 -29.85 31.40 4.71
C GLU A 119 -31.04 32.38 4.54
N LYS A 120 -32.20 31.89 4.04
CA LYS A 120 -33.42 32.73 3.83
C LYS A 120 -33.98 33.14 5.20
N GLY A 121 -34.19 34.44 5.40
CA GLY A 121 -34.95 34.99 6.54
C GLY A 121 -36.40 34.56 6.48
N GLU A 122 -37.02 34.32 7.64
CA GLU A 122 -38.47 33.98 7.80
C GLU A 122 -39.36 35.12 7.24
N PHE A 123 -38.97 36.40 7.44
CA PHE A 123 -39.76 37.62 7.08
C PHE A 123 -39.05 38.45 5.99
N GLY A 124 -38.40 37.78 5.03
CA GLY A 124 -37.55 38.40 3.99
C GLY A 124 -36.09 38.50 4.45
N GLY A 125 -35.23 39.03 3.57
CA GLY A 125 -33.80 39.27 3.84
C GLY A 125 -33.07 38.01 4.28
N PHE A 126 -32.27 38.11 5.35
CA PHE A 126 -31.29 37.09 5.80
C PHE A 126 -31.71 36.47 7.14
N GLY A 127 -31.64 35.13 7.23
CA GLY A 127 -32.00 34.34 8.43
C GLY A 127 -30.78 34.07 9.30
N SER A 128 -30.21 32.85 9.20
CA SER A 128 -28.96 32.42 9.90
C SER A 128 -28.10 31.51 9.00
N VAL A 129 -26.79 31.47 9.26
CA VAL A 129 -25.80 30.58 8.57
C VAL A 129 -26.01 29.14 9.08
N SER A 130 -25.81 28.15 8.20
CA SER A 130 -25.76 26.71 8.55
C SER A 130 -24.46 26.40 9.32
N GLY A 131 -24.44 25.28 10.05
CA GLY A 131 -23.21 24.73 10.64
C GLY A 131 -22.13 24.54 9.59
N LYS A 132 -20.87 24.74 9.97
CA LYS A 132 -19.67 24.61 9.08
C LYS A 132 -19.09 23.19 9.20
N ILE A 133 -18.58 22.68 8.08
CA ILE A 133 -17.78 21.43 7.97
C ILE A 133 -16.39 21.81 7.43
N GLU A 134 -15.33 21.58 8.21
CA GLU A 134 -13.95 22.03 7.92
C GLU A 134 -12.97 20.89 8.20
N ILE A 135 -11.99 20.71 7.32
CA ILE A 135 -10.84 19.77 7.45
C ILE A 135 -9.87 20.31 8.50
N GLU A 136 -9.67 19.62 9.62
CA GLU A 136 -8.77 20.07 10.71
C GLU A 136 -7.36 19.50 10.51
N ILE A 137 -7.22 18.22 10.17
CA ILE A 137 -5.89 17.54 10.03
C ILE A 137 -5.90 16.66 8.79
N LYS A 138 -4.81 16.70 8.01
CA LYS A 138 -4.49 15.73 6.92
C LYS A 138 -3.11 15.13 7.19
N ILE A 139 -3.02 13.81 7.30
CA ILE A 139 -1.75 13.06 7.53
C ILE A 139 -1.46 12.20 6.29
N ASN A 140 -0.25 12.32 5.71
CA ASN A 140 0.13 11.55 4.50
C ASN A 140 -0.22 10.08 4.77
N HIS A 141 -0.83 9.43 3.79
CA HIS A 141 -1.21 8.00 3.89
C HIS A 141 -0.66 7.27 2.67
N GLU A 142 -0.18 6.06 2.89
CA GLU A 142 0.34 5.16 1.84
C GLU A 142 -0.83 4.42 1.17
N GLY A 143 -1.24 4.90 0.00
CA GLY A 143 -2.39 4.37 -0.75
C GLY A 143 -3.69 4.90 -0.19
N GLU A 144 -4.81 4.49 -0.77
CA GLU A 144 -6.13 4.92 -0.27
C GLU A 144 -6.31 4.37 1.15
N VAL A 145 -7.18 5.01 1.92
CA VAL A 145 -7.56 4.62 3.29
C VAL A 145 -8.78 3.68 3.17
N ASN A 146 -8.57 2.38 3.18
CA ASN A 146 -9.70 1.42 2.98
C ASN A 146 -10.70 1.64 4.10
N ARG A 147 -10.22 1.83 5.33
CA ARG A 147 -11.04 2.01 6.54
C ARG A 147 -10.15 2.62 7.63
N ALA A 148 -10.74 3.44 8.49
CA ALA A 148 -10.04 4.11 9.62
C ALA A 148 -10.94 4.08 10.84
N ARG A 149 -10.42 3.57 11.96
CA ARG A 149 -11.19 3.43 13.20
C ARG A 149 -10.33 3.93 14.37
N TYR A 150 -10.93 4.67 15.30
CA TYR A 150 -10.22 5.13 16.51
C TYR A 150 -10.31 4.08 17.61
N MET A 151 -9.27 3.99 18.43
CA MET A 151 -9.17 3.12 19.61
C MET A 151 -10.05 3.70 20.72
N PRO A 152 -11.09 2.96 21.17
CA PRO A 152 -11.98 3.44 22.23
C PRO A 152 -11.28 3.97 23.49
N GLN A 153 -10.22 3.30 23.94
CA GLN A 153 -9.54 3.63 25.21
C GLN A 153 -8.62 4.86 25.01
N ASN A 154 -8.37 5.27 23.76
CA ASN A 154 -7.57 6.48 23.45
C ASN A 154 -7.87 6.93 22.03
N PRO A 155 -8.95 7.73 21.83
CA PRO A 155 -9.37 8.14 20.49
C PRO A 155 -8.35 8.94 19.66
N CYS A 156 -7.16 9.30 20.21
CA CYS A 156 -6.04 9.88 19.44
C CYS A 156 -5.40 8.81 18.54
N ILE A 157 -5.56 7.53 18.90
CA ILE A 157 -4.96 6.39 18.15
C ILE A 157 -5.99 5.95 17.08
N ILE A 158 -5.56 5.94 15.84
CA ILE A 158 -6.41 5.54 14.69
C ILE A 158 -5.70 4.46 13.91
N ALA A 159 -6.37 3.34 13.67
CA ALA A 159 -5.87 2.28 12.78
C ALA A 159 -6.49 2.46 11.40
N THR A 160 -5.69 2.18 10.35
CA THR A 160 -6.10 2.28 8.94
C THR A 160 -5.81 0.96 8.24
N LYS A 161 -6.67 0.62 7.28
CA LYS A 161 -6.43 -0.46 6.31
C LYS A 161 -5.90 0.17 5.03
N THR A 162 -4.79 -0.36 4.52
CA THR A 162 -4.03 0.16 3.37
C THR A 162 -4.01 -0.89 2.28
N PRO A 163 -3.89 -0.52 0.98
CA PRO A 163 -3.81 -1.51 -0.11
C PRO A 163 -2.61 -2.46 0.01
N SER A 164 -1.54 -2.02 0.70
CA SER A 164 -0.26 -2.78 0.88
C SER A 164 -0.50 -4.09 1.63
N SER A 165 -1.62 -4.18 2.36
CA SER A 165 -1.97 -5.28 3.28
C SER A 165 -1.54 -4.92 4.72
N ASP A 166 -0.62 -3.95 4.88
CA ASP A 166 -0.26 -3.42 6.23
C ASP A 166 -1.48 -2.74 6.87
N VAL A 167 -1.64 -2.90 8.17
CA VAL A 167 -2.46 -2.00 9.01
C VAL A 167 -1.52 -0.97 9.60
N LEU A 168 -1.87 0.30 9.49
CA LEU A 168 -1.08 1.44 10.04
C LEU A 168 -1.79 1.99 11.27
N VAL A 169 -1.01 2.39 12.27
CA VAL A 169 -1.51 3.11 13.47
C VAL A 169 -0.90 4.51 13.48
N PHE A 170 -1.74 5.53 13.59
CA PHE A 170 -1.34 6.95 13.77
C PHE A 170 -1.91 7.48 15.09
N ASP A 171 -1.06 8.11 15.90
CA ASP A 171 -1.49 9.09 16.94
C ASP A 171 -1.53 10.45 16.24
N TYR A 172 -2.73 10.95 15.91
CA TYR A 172 -2.90 12.16 15.05
C TYR A 172 -2.36 13.40 15.79
N THR A 173 -2.11 13.32 17.10
CA THR A 173 -1.54 14.43 17.92
C THR A 173 -0.01 14.42 17.84
N LYS A 174 0.61 13.40 17.22
CA LYS A 174 2.09 13.32 17.05
C LYS A 174 2.45 13.60 15.59
N HIS A 175 1.64 14.41 14.90
CA HIS A 175 1.79 14.76 13.46
C HIS A 175 1.35 16.21 13.28
N PRO A 176 1.90 16.95 12.30
CA PRO A 176 1.36 18.26 11.95
C PRO A 176 -0.05 18.13 11.35
N SER A 177 -0.88 19.16 11.46
CA SER A 177 -2.20 19.26 10.76
C SER A 177 -2.02 19.62 9.28
N LYS A 178 -0.86 20.21 8.93
CA LYS A 178 -0.39 20.40 7.53
C LYS A 178 0.36 19.13 7.09
N PRO A 179 -0.04 18.47 5.99
CA PRO A 179 0.67 17.27 5.53
C PRO A 179 2.10 17.54 5.02
N ASP A 180 2.97 16.56 5.22
CA ASP A 180 4.41 16.64 4.90
C ASP A 180 4.59 16.70 3.38
N PRO A 181 5.09 17.85 2.87
CA PRO A 181 5.24 18.07 1.43
C PRO A 181 6.20 17.09 0.74
N SER A 182 7.07 16.38 1.49
CA SER A 182 7.98 15.33 0.96
C SER A 182 7.16 14.17 0.37
N GLY A 183 5.96 13.93 0.92
CA GLY A 183 5.05 12.86 0.48
C GLY A 183 5.34 11.54 1.19
N GLU A 184 6.22 11.54 2.21
CA GLU A 184 6.53 10.33 3.00
C GLU A 184 5.40 10.10 4.01
N CYS A 185 5.09 8.84 4.23
CA CYS A 185 4.14 8.33 5.25
C CYS A 185 4.97 7.87 6.46
N ASN A 186 4.68 8.40 7.65
CA ASN A 186 5.41 8.09 8.90
C ASN A 186 4.41 7.59 9.94
N PRO A 187 3.93 6.33 9.81
CA PRO A 187 2.95 5.79 10.75
C PRO A 187 3.68 5.52 12.06
N ASP A 188 3.00 5.65 13.19
CA ASP A 188 3.57 5.39 14.54
C ASP A 188 3.77 3.89 14.77
N LEU A 189 3.01 3.03 14.09
CA LEU A 189 3.24 1.55 14.07
C LEU A 189 2.86 0.99 12.71
N ARG A 190 3.53 -0.09 12.32
CA ARG A 190 3.24 -0.86 11.10
C ARG A 190 2.87 -2.28 11.52
N LEU A 191 1.66 -2.75 11.21
CA LEU A 191 1.14 -4.07 11.68
C LEU A 191 1.17 -5.08 10.55
N ARG A 192 2.05 -6.06 10.68
CA ARG A 192 2.33 -7.10 9.67
C ARG A 192 1.47 -8.32 9.95
N GLY A 193 1.25 -9.15 8.94
CA GLY A 193 0.64 -10.47 9.13
C GLY A 193 -0.22 -10.88 7.95
N HIS A 194 -0.63 -9.91 7.13
CA HIS A 194 -1.51 -10.11 5.96
C HIS A 194 -0.69 -10.16 4.68
N GLN A 195 -1.22 -10.79 3.63
CA GLN A 195 -0.60 -10.82 2.29
C GLN A 195 -1.43 -9.96 1.35
N LYS A 196 -2.65 -9.60 1.72
CA LYS A 196 -3.55 -8.81 0.84
C LYS A 196 -4.25 -7.76 1.65
N GLU A 197 -4.82 -6.78 0.97
CA GLU A 197 -5.61 -5.70 1.57
C GLU A 197 -6.95 -6.24 2.08
N GLY A 198 -7.64 -5.45 2.87
CA GLY A 198 -9.02 -5.71 3.28
C GLY A 198 -9.69 -4.45 3.76
N TYR A 199 -10.85 -4.60 4.38
CA TYR A 199 -11.62 -3.47 4.94
C TYR A 199 -11.84 -3.65 6.44
N GLY A 200 -12.13 -4.86 6.90
CA GLY A 200 -12.58 -5.09 8.29
C GLY A 200 -11.52 -4.75 9.32
N LEU A 201 -11.92 -4.06 10.38
CA LEU A 201 -11.02 -3.46 11.38
C LEU A 201 -11.84 -3.26 12.65
N SER A 202 -11.40 -3.82 13.78
CA SER A 202 -12.14 -3.71 15.07
C SER A 202 -11.18 -3.68 16.26
N TRP A 203 -11.32 -2.66 17.10
CA TRP A 203 -10.60 -2.52 18.39
C TRP A 203 -11.43 -3.16 19.50
N ASN A 204 -10.78 -3.90 20.38
CA ASN A 204 -11.45 -4.59 21.52
C ASN A 204 -11.78 -3.51 22.56
N PRO A 205 -13.07 -3.21 22.83
CA PRO A 205 -13.40 -2.14 23.77
C PRO A 205 -13.14 -2.54 25.23
N ASN A 206 -12.70 -3.76 25.49
CA ASN A 206 -12.47 -4.30 26.86
C ASN A 206 -11.01 -4.63 27.09
N LEU A 207 -10.22 -4.85 26.03
CA LEU A 207 -8.76 -5.06 26.14
C LEU A 207 -8.05 -4.02 25.28
N SER A 208 -7.46 -3.03 25.91
CA SER A 208 -6.79 -1.89 25.23
C SER A 208 -5.73 -2.43 24.28
N GLY A 209 -5.80 -1.97 23.03
CA GLY A 209 -4.78 -2.18 22.00
C GLY A 209 -4.91 -3.52 21.34
N HIS A 210 -5.96 -4.27 21.62
CA HIS A 210 -6.24 -5.55 20.91
C HIS A 210 -7.02 -5.22 19.63
N LEU A 211 -6.42 -5.43 18.47
CA LEU A 211 -6.97 -5.02 17.16
C LEU A 211 -7.15 -6.22 16.24
N LEU A 212 -8.32 -6.35 15.62
CA LEU A 212 -8.59 -7.40 14.62
C LEU A 212 -8.62 -6.77 13.25
N SER A 213 -8.22 -7.52 12.23
CA SER A 213 -8.23 -7.09 10.81
C SER A 213 -8.66 -8.26 9.91
N ALA A 214 -9.54 -7.98 8.96
CA ALA A 214 -10.05 -8.97 7.97
C ALA A 214 -9.40 -8.69 6.60
N SER A 215 -9.04 -9.73 5.87
CA SER A 215 -8.24 -9.60 4.64
C SER A 215 -8.80 -10.42 3.49
N ASP A 216 -8.55 -9.94 2.27
CA ASP A 216 -8.74 -10.67 0.99
C ASP A 216 -7.89 -11.96 0.98
N ASP A 217 -6.94 -12.10 1.92
CA ASP A 217 -6.05 -13.28 1.98
C ASP A 217 -6.71 -14.43 2.76
N HIS A 218 -7.98 -14.29 3.17
CA HIS A 218 -8.84 -15.33 3.80
C HIS A 218 -8.57 -15.44 5.31
N THR A 219 -7.75 -14.57 5.89
CA THR A 219 -7.34 -14.65 7.29
C THR A 219 -7.83 -13.41 8.07
N ILE A 220 -7.86 -13.57 9.37
CA ILE A 220 -8.10 -12.51 10.39
C ILE A 220 -6.82 -12.42 11.22
N CYS A 221 -6.19 -11.24 11.27
CA CYS A 221 -5.03 -10.97 12.15
C CYS A 221 -5.50 -10.27 13.42
N LEU A 222 -4.94 -10.69 14.54
CA LEU A 222 -5.02 -10.02 15.86
C LEU A 222 -3.64 -9.48 16.23
N TRP A 223 -3.57 -8.20 16.58
CA TRP A 223 -2.39 -7.56 17.21
C TRP A 223 -2.75 -7.12 18.64
N ASP A 224 -1.77 -7.17 19.53
CA ASP A 224 -1.79 -6.49 20.84
C ASP A 224 -0.67 -5.46 20.85
N ILE A 225 -1.03 -4.18 20.74
CA ILE A 225 -0.05 -3.06 20.70
C ILE A 225 0.03 -2.39 22.08
N SER A 226 -0.58 -3.00 23.11
CA SER A 226 -0.72 -2.40 24.46
C SER A 226 0.65 -2.16 25.10
N ALA A 227 1.63 -3.02 24.80
CA ALA A 227 2.99 -3.01 25.39
C ALA A 227 3.96 -2.23 24.49
N VAL A 228 3.91 -2.44 23.18
CA VAL A 228 4.85 -1.86 22.18
C VAL A 228 4.94 -0.34 22.39
N PRO A 229 6.16 0.26 22.36
CA PRO A 229 6.30 1.71 22.23
C PRO A 229 5.98 2.25 20.81
N LYS A 230 4.97 3.13 20.69
CA LYS A 230 4.49 3.73 19.40
C LYS A 230 5.55 4.70 18.86
N GLY A 232 7.26 4.06 15.88
CA GLY A 232 7.38 3.79 14.42
C GLY A 232 7.84 2.37 14.10
N LYS A 233 7.76 1.44 15.05
CA LYS A 233 8.30 0.06 14.87
C LYS A 233 7.26 -0.79 14.10
N VAL A 234 7.66 -1.99 13.69
CA VAL A 234 6.81 -2.99 12.98
C VAL A 234 6.30 -3.95 14.05
N VAL A 235 5.01 -4.30 14.05
CA VAL A 235 4.45 -5.33 14.99
C VAL A 235 3.89 -6.51 14.18
N ASP A 236 4.27 -7.73 14.54
CA ASP A 236 3.78 -8.97 13.93
C ASP A 236 2.52 -9.45 14.66
N ALA A 237 1.62 -10.07 13.91
CA ALA A 237 0.31 -10.55 14.41
C ALA A 237 0.57 -11.52 15.56
N LYS A 238 -0.09 -11.33 16.68
CA LYS A 238 -0.11 -12.28 17.82
C LYS A 238 -0.77 -13.61 17.42
N THR A 239 -1.87 -13.56 16.67
CA THR A 239 -2.71 -14.75 16.31
C THR A 239 -3.31 -14.51 14.94
N ILE A 240 -3.42 -15.57 14.14
CA ILE A 240 -4.03 -15.51 12.79
C ILE A 240 -5.09 -16.60 12.74
N PHE A 241 -6.32 -16.22 12.39
CA PHE A 241 -7.49 -17.12 12.37
C PHE A 241 -7.84 -17.42 10.92
N THR A 242 -7.95 -18.71 10.58
CA THR A 242 -7.93 -19.24 9.20
C THR A 242 -9.19 -20.02 8.92
N GLY A 243 -10.25 -19.80 9.68
CA GLY A 243 -11.50 -20.56 9.53
C GLY A 243 -12.14 -20.34 8.17
N HIS A 244 -12.08 -19.13 7.60
CA HIS A 244 -12.75 -18.80 6.33
C HIS A 244 -11.94 -19.38 5.15
N THR A 245 -12.58 -19.65 4.02
CA THR A 245 -12.00 -20.25 2.78
C THR A 245 -12.09 -19.22 1.64
N ALA A 246 -12.35 -17.96 1.97
CA ALA A 246 -12.53 -16.88 0.97
C ALA A 246 -12.27 -15.54 1.63
N VAL A 247 -12.27 -14.49 0.84
CA VAL A 247 -12.05 -13.10 1.29
C VAL A 247 -12.87 -12.88 2.56
N VAL A 248 -12.22 -12.52 3.67
CA VAL A 248 -12.91 -12.07 4.91
C VAL A 248 -13.24 -10.58 4.79
N GLU A 249 -14.53 -10.23 4.86
CA GLU A 249 -15.02 -8.86 4.57
C GLU A 249 -15.00 -7.99 5.82
N ASP A 250 -15.32 -8.55 6.98
CA ASP A 250 -15.53 -7.74 8.19
C ASP A 250 -15.25 -8.60 9.40
N VAL A 251 -14.93 -7.91 10.48
CA VAL A 251 -14.62 -8.51 11.78
C VAL A 251 -15.08 -7.49 12.82
N SER A 252 -15.60 -7.96 13.95
CA SER A 252 -16.06 -7.07 15.03
C SER A 252 -15.99 -7.80 16.34
N TRP A 253 -15.46 -7.13 17.36
CA TRP A 253 -15.52 -7.62 18.76
C TRP A 253 -16.93 -7.53 19.31
N HIS A 254 -17.28 -8.47 20.17
CA HIS A 254 -18.39 -8.32 21.13
C HIS A 254 -18.10 -7.09 22.01
N LEU A 255 -19.15 -6.38 22.40
CA LEU A 255 -19.01 -5.14 23.21
C LEU A 255 -18.85 -5.48 24.71
N LEU A 256 -19.29 -6.66 25.18
CA LEU A 256 -19.24 -7.03 26.63
C LEU A 256 -18.21 -8.13 26.88
N HIS A 257 -18.18 -9.15 26.03
CA HIS A 257 -17.36 -10.37 26.25
C HIS A 257 -16.01 -10.20 25.54
N GLU A 258 -14.94 -9.98 26.31
CA GLU A 258 -13.62 -9.53 25.81
C GLU A 258 -12.98 -10.60 24.90
N SER A 259 -13.38 -11.87 25.00
CA SER A 259 -12.79 -13.01 24.24
C SER A 259 -13.53 -13.26 22.92
N LEU A 260 -14.71 -12.66 22.74
CA LEU A 260 -15.64 -13.06 21.65
C LEU A 260 -15.57 -12.06 20.51
N PHE A 261 -15.51 -12.56 19.28
CA PHE A 261 -15.60 -11.71 18.08
C PHE A 261 -16.28 -12.49 16.97
N GLY A 262 -16.81 -11.76 16.01
CA GLY A 262 -17.47 -12.30 14.82
C GLY A 262 -16.71 -11.91 13.57
N SER A 263 -16.79 -12.76 12.55
CA SER A 263 -16.25 -12.47 11.20
C SER A 263 -17.27 -12.91 10.17
N VAL A 264 -17.26 -12.22 9.02
CA VAL A 264 -18.16 -12.52 7.88
C VAL A 264 -17.30 -12.55 6.63
N ALA A 265 -17.66 -13.38 5.65
CA ALA A 265 -16.77 -13.58 4.49
C ALA A 265 -17.54 -13.91 3.23
N ASP A 266 -16.80 -13.90 2.12
CA ASP A 266 -17.32 -14.22 0.77
C ASP A 266 -17.74 -15.69 0.69
N ASP A 267 -17.36 -16.52 1.64
CA ASP A 267 -17.83 -17.94 1.79
C ASP A 267 -19.26 -18.01 2.35
N GLN A 268 -19.92 -16.85 2.59
CA GLN A 268 -21.35 -16.71 2.96
C GLN A 268 -21.56 -17.04 4.45
N LYS A 269 -20.49 -17.19 5.19
CA LYS A 269 -20.51 -17.61 6.63
C LYS A 269 -20.39 -16.40 7.56
N LEU A 270 -21.15 -16.45 8.63
CA LEU A 270 -20.87 -15.73 9.90
C LEU A 270 -20.12 -16.71 10.81
N MET A 271 -18.96 -16.33 11.32
CA MET A 271 -18.24 -17.16 12.30
C MET A 271 -18.10 -16.38 13.60
N ILE A 272 -18.32 -17.08 14.70
CA ILE A 272 -18.14 -16.56 16.08
C ILE A 272 -16.89 -17.23 16.64
N TRP A 273 -15.96 -16.42 17.05
CA TRP A 273 -14.64 -16.85 17.55
C TRP A 273 -14.54 -16.56 19.05
N ASP A 274 -13.81 -17.42 19.77
CA ASP A 274 -13.41 -17.24 21.19
C ASP A 274 -11.89 -17.35 21.26
N THR A 275 -11.22 -16.27 21.65
CA THR A 275 -9.75 -16.16 21.70
C THR A 275 -9.17 -17.12 22.76
N ARG A 276 -10.00 -17.70 23.63
CA ARG A 276 -9.53 -18.65 24.68
C ARG A 276 -9.28 -20.03 24.05
N SER A 277 -9.90 -20.31 22.91
CA SER A 277 -9.78 -21.61 22.19
C SER A 277 -8.37 -21.73 21.62
N ASN A 278 -7.75 -22.91 21.67
CA ASN A 278 -6.39 -23.10 21.08
C ASN A 278 -6.51 -23.37 19.57
N ASN A 279 -7.70 -23.67 19.07
CA ASN A 279 -7.90 -24.00 17.64
C ASN A 279 -8.21 -22.70 16.89
N THR A 280 -7.22 -22.13 16.20
CA THR A 280 -7.37 -20.89 15.39
C THR A 280 -7.83 -21.22 13.96
N SER A 281 -8.10 -22.49 13.62
CA SER A 281 -8.56 -22.88 12.25
C SER A 281 -10.08 -23.10 12.23
N LYS A 282 -10.71 -23.18 13.38
CA LYS A 282 -12.14 -23.55 13.51
C LYS A 282 -12.79 -22.61 14.52
N PRO A 283 -13.89 -21.92 14.18
CA PRO A 283 -14.58 -21.03 15.13
C PRO A 283 -15.44 -21.80 16.13
N SER A 284 -15.90 -21.15 17.21
CA SER A 284 -16.88 -21.68 18.18
C SER A 284 -18.16 -22.04 17.44
N HIS A 285 -18.59 -21.17 16.52
CA HIS A 285 -19.83 -21.38 15.72
C HIS A 285 -19.61 -20.87 14.29
N SER A 286 -20.24 -21.54 13.35
CA SER A 286 -20.17 -21.24 11.91
C SER A 286 -21.61 -21.30 11.41
N VAL A 287 -22.14 -20.26 10.78
CA VAL A 287 -23.52 -20.33 10.21
C VAL A 287 -23.48 -19.90 8.76
N ASP A 288 -24.21 -20.65 7.95
CA ASP A 288 -24.54 -20.32 6.55
C ASP A 288 -25.53 -19.15 6.61
N ALA A 289 -25.03 -17.93 6.49
CA ALA A 289 -25.77 -16.73 6.92
C ALA A 289 -26.65 -16.18 5.79
N HIS A 290 -26.22 -16.32 4.54
CA HIS A 290 -26.74 -15.57 3.36
C HIS A 290 -26.57 -16.44 2.10
N THR A 291 -27.22 -16.06 0.99
CA THR A 291 -27.14 -16.73 -0.34
C THR A 291 -26.06 -16.06 -1.21
N ALA A 292 -25.19 -15.23 -0.63
CA ALA A 292 -24.07 -14.58 -1.33
C ALA A 292 -23.11 -14.01 -0.28
N GLU A 293 -22.12 -13.24 -0.73
CA GLU A 293 -21.02 -12.73 0.12
C GLU A 293 -21.63 -12.01 1.32
N VAL A 294 -21.02 -12.15 2.47
CA VAL A 294 -21.43 -11.40 3.69
C VAL A 294 -20.39 -10.30 3.90
N ASN A 295 -20.80 -9.05 3.80
CA ASN A 295 -19.86 -7.89 3.76
C ASN A 295 -19.68 -7.24 5.14
N CYS A 296 -20.61 -7.39 6.06
CA CYS A 296 -20.59 -6.56 7.29
C CYS A 296 -21.34 -7.24 8.42
N LEU A 297 -20.93 -6.97 9.66
CA LEU A 297 -21.65 -7.41 10.86
C LEU A 297 -21.54 -6.33 11.93
N SER A 298 -22.52 -6.32 12.82
CA SER A 298 -22.55 -5.37 13.94
C SER A 298 -23.29 -6.00 15.11
N PHE A 299 -22.65 -5.97 16.29
CA PHE A 299 -23.22 -6.48 17.58
C PHE A 299 -24.08 -5.40 18.20
N ASN A 300 -25.25 -5.78 18.67
CA ASN A 300 -26.21 -4.86 19.31
C ASN A 300 -25.59 -4.41 20.64
N PRO A 301 -25.34 -3.10 20.84
CA PRO A 301 -24.66 -2.62 22.07
C PRO A 301 -25.55 -2.62 23.32
N TYR A 302 -26.83 -2.96 23.21
CA TYR A 302 -27.79 -3.01 24.34
C TYR A 302 -28.25 -4.44 24.58
N SER A 303 -28.16 -5.28 23.57
CA SER A 303 -28.71 -6.66 23.58
C SER A 303 -27.57 -7.62 23.29
N GLU A 304 -27.00 -8.17 24.36
CA GLU A 304 -25.73 -8.90 24.36
C GLU A 304 -25.82 -10.18 23.51
N PHE A 305 -27.02 -10.70 23.19
CA PHE A 305 -27.17 -11.94 22.39
C PHE A 305 -27.36 -11.63 20.90
N ILE A 306 -27.53 -10.36 20.53
CA ILE A 306 -28.09 -9.98 19.20
C ILE A 306 -27.02 -9.32 18.32
N LEU A 307 -26.99 -9.73 17.05
CA LEU A 307 -26.15 -9.06 16.03
C LEU A 307 -26.83 -9.13 14.67
N ALA A 308 -26.31 -8.37 13.71
CA ALA A 308 -26.85 -8.25 12.35
C ALA A 308 -25.69 -8.40 11.36
N THR A 309 -26.00 -8.96 10.20
CA THR A 309 -25.07 -9.12 9.06
C THR A 309 -25.73 -8.54 7.80
N GLY A 310 -24.90 -8.01 6.89
CA GLY A 310 -25.35 -7.42 5.63
C GLY A 310 -24.67 -8.10 4.47
N SER A 311 -25.37 -8.27 3.34
CA SER A 311 -24.96 -9.23 2.31
C SER A 311 -25.13 -8.72 0.87
N ALA A 312 -24.35 -9.28 -0.06
CA ALA A 312 -24.56 -9.14 -1.51
C ALA A 312 -25.90 -9.73 -1.93
N ASP A 313 -26.55 -10.53 -1.07
CA ASP A 313 -27.92 -11.04 -1.33
C ASP A 313 -28.97 -9.96 -1.06
N LYS A 314 -28.56 -8.74 -0.70
CA LYS A 314 -29.42 -7.51 -0.62
C LYS A 314 -30.25 -7.51 0.67
N THR A 315 -29.91 -8.37 1.64
CA THR A 315 -30.61 -8.50 2.93
C THR A 315 -29.70 -8.15 4.09
N VAL A 316 -30.33 -7.72 5.17
CA VAL A 316 -29.74 -7.77 6.51
C VAL A 316 -30.41 -8.92 7.26
N ALA A 317 -29.61 -9.77 7.87
CA ALA A 317 -30.06 -10.90 8.71
C ALA A 317 -29.85 -10.54 10.17
N LEU A 318 -30.83 -10.87 10.99
CA LEU A 318 -30.81 -10.71 12.47
C LEU A 318 -30.51 -12.07 13.11
N TRP A 319 -29.55 -12.10 14.05
CA TRP A 319 -29.00 -13.33 14.67
C TRP A 319 -29.11 -13.25 16.19
N ASP A 320 -29.34 -14.40 16.81
CA ASP A 320 -29.29 -14.62 18.27
C ASP A 320 -28.17 -15.62 18.53
N LEU A 321 -27.14 -15.19 19.24
CA LEU A 321 -25.95 -16.02 19.57
C LEU A 321 -26.40 -17.32 20.26
N ARG A 322 -27.53 -17.32 20.97
CA ARG A 322 -27.98 -18.52 21.73
C ARG A 322 -28.52 -19.58 20.76
N ASN A 323 -28.93 -19.21 19.57
CA ASN A 323 -29.39 -20.23 18.59
C ASN A 323 -29.14 -19.72 17.18
N LEU A 324 -27.91 -19.92 16.71
CA LEU A 324 -27.47 -19.48 15.36
C LEU A 324 -27.93 -20.44 14.25
N LYS A 325 -28.61 -21.55 14.59
CA LYS A 325 -29.20 -22.48 13.59
C LYS A 325 -30.21 -21.70 12.76
N LEU A 326 -30.88 -20.75 13.41
CA LEU A 326 -32.15 -20.13 12.94
C LEU A 326 -31.99 -18.60 12.89
N LYS A 327 -31.92 -18.02 11.69
CA LYS A 327 -31.99 -16.56 11.47
C LYS A 327 -33.28 -16.03 12.09
N LEU A 328 -33.24 -14.94 12.85
CA LEU A 328 -34.46 -14.39 13.51
C LEU A 328 -35.32 -13.65 12.50
N HIS A 329 -34.69 -12.93 11.57
CA HIS A 329 -35.40 -12.07 10.63
C HIS A 329 -34.49 -11.75 9.45
N SER A 330 -35.12 -11.49 8.32
CA SER A 330 -34.47 -10.97 7.10
C SER A 330 -35.10 -9.65 6.74
N PHE A 331 -34.33 -8.57 6.83
CA PHE A 331 -34.75 -7.20 6.46
C PHE A 331 -34.49 -7.04 4.96
N GLU A 332 -35.56 -6.84 4.19
CA GLU A 332 -35.57 -6.81 2.72
C GLU A 332 -36.13 -5.45 2.30
N SER A 333 -35.35 -4.71 1.52
CA SER A 333 -35.77 -3.47 0.78
C SER A 333 -34.63 -2.96 -0.08
N HIS A 334 -33.39 -3.33 0.19
CA HIS A 334 -32.24 -2.86 -0.63
C HIS A 334 -32.35 -3.49 -2.02
N LYS A 335 -31.86 -2.80 -3.05
CA LYS A 335 -31.93 -3.26 -4.45
C LYS A 335 -30.55 -3.69 -4.91
N ASP A 336 -29.56 -3.62 -4.04
CA ASP A 336 -28.18 -4.02 -4.40
C ASP A 336 -27.39 -4.34 -3.14
N GLU A 337 -26.16 -4.75 -3.35
CA GLU A 337 -25.22 -5.29 -2.35
C GLU A 337 -25.17 -4.29 -1.19
N ILE A 338 -25.27 -4.82 0.02
CA ILE A 338 -25.08 -4.10 1.31
C ILE A 338 -23.62 -4.22 1.74
N PHE A 339 -22.96 -3.12 2.06
CA PHE A 339 -21.55 -3.11 2.52
C PHE A 339 -21.44 -2.70 4.00
N GLN A 340 -22.41 -2.01 4.56
CA GLN A 340 -22.28 -1.57 5.97
C GLN A 340 -23.61 -1.75 6.71
N VAL A 341 -23.53 -2.15 7.98
N VAL A 341 -23.54 -2.12 7.99
CA VAL A 341 -24.67 -2.22 8.93
CA VAL A 341 -24.71 -2.22 8.91
C VAL A 341 -24.17 -1.72 10.28
C VAL A 341 -24.21 -1.78 10.29
N GLN A 342 -24.99 -0.93 10.99
CA GLN A 342 -24.60 -0.30 12.28
C GLN A 342 -25.84 -0.13 13.16
N TRP A 343 -25.79 -0.62 14.38
CA TRP A 343 -26.85 -0.44 15.41
C TRP A 343 -26.81 1.00 15.90
N SER A 344 -27.98 1.60 16.13
CA SER A 344 -28.11 2.91 16.83
C SER A 344 -27.33 2.85 18.13
N PRO A 345 -26.46 3.83 18.46
CA PRO A 345 -25.82 3.86 19.77
C PRO A 345 -26.80 4.26 20.88
N HIS A 346 -28.03 4.68 20.52
CA HIS A 346 -28.99 5.24 21.50
C HIS A 346 -30.22 4.36 21.67
N ASN A 347 -30.59 3.52 20.69
CA ASN A 347 -31.92 2.86 20.63
C ASN A 347 -31.72 1.38 20.23
N GLU A 348 -32.03 0.47 21.14
CA GLU A 348 -31.70 -0.99 21.07
C GLU A 348 -32.43 -1.66 19.90
N THR A 349 -33.54 -1.09 19.41
CA THR A 349 -34.36 -1.69 18.33
C THR A 349 -33.97 -1.10 16.97
N ILE A 350 -33.02 -0.19 16.92
CA ILE A 350 -32.78 0.63 15.70
C ILE A 350 -31.45 0.22 15.08
N LEU A 351 -31.46 -0.06 13.79
CA LEU A 351 -30.20 -0.30 13.07
C LEU A 351 -30.31 0.28 11.67
N ALA A 352 -29.20 0.41 10.99
CA ALA A 352 -29.18 1.01 9.64
C ALA A 352 -28.28 0.21 8.74
N SER A 353 -28.51 0.30 7.44
CA SER A 353 -27.68 -0.41 6.43
C SER A 353 -27.48 0.46 5.20
N SER A 354 -26.36 0.28 4.51
CA SER A 354 -26.06 1.04 3.27
C SER A 354 -25.38 0.14 2.24
N GLY A 355 -25.38 0.55 0.98
CA GLY A 355 -24.53 -0.09 -0.03
C GLY A 355 -24.68 0.51 -1.42
N THR A 356 -24.67 -0.36 -2.40
CA THR A 356 -24.47 -0.06 -3.84
C THR A 356 -25.77 0.50 -4.41
N ASP A 357 -26.93 0.32 -3.78
CA ASP A 357 -28.20 0.90 -4.30
C ASP A 357 -28.29 2.41 -3.96
N ARG A 358 -27.26 3.00 -3.35
CA ARG A 358 -27.20 4.47 -3.05
C ARG A 358 -28.25 4.84 -2.00
N ARG A 359 -28.72 3.87 -1.24
CA ARG A 359 -29.74 4.07 -0.18
C ARG A 359 -29.13 3.76 1.19
N LEU A 360 -29.56 4.48 2.20
CA LEU A 360 -29.28 4.10 3.60
C LEU A 360 -30.64 3.89 4.27
N ASN A 361 -30.93 2.64 4.65
CA ASN A 361 -32.21 2.23 5.24
C ASN A 361 -32.05 2.25 6.76
N VAL A 362 -33.04 2.80 7.46
CA VAL A 362 -33.14 2.70 8.94
C VAL A 362 -34.26 1.74 9.27
N TRP A 363 -33.95 0.76 10.12
CA TRP A 363 -34.87 -0.33 10.48
C TRP A 363 -35.23 -0.22 11.96
N ASP A 364 -36.46 -0.54 12.28
CA ASP A 364 -36.95 -0.64 13.67
C ASP A 364 -37.49 -2.05 13.89
N LEU A 365 -36.73 -2.90 14.59
CA LEU A 365 -37.14 -4.32 14.77
C LEU A 365 -38.39 -4.42 15.67
N SER A 366 -38.78 -3.35 16.37
CA SER A 366 -40.01 -3.35 17.22
C SER A 366 -41.25 -3.33 16.31
N LYS A 367 -41.11 -2.99 15.04
CA LYS A 367 -42.27 -2.86 14.12
C LYS A 367 -42.48 -4.14 13.30
N ILE A 368 -41.66 -5.17 13.49
CA ILE A 368 -41.77 -6.44 12.73
C ILE A 368 -43.14 -7.07 13.04
N GLY A 369 -43.91 -7.42 12.01
CA GLY A 369 -45.20 -8.13 12.15
C GLY A 369 -46.40 -7.20 12.19
N GLU A 370 -46.22 -5.88 12.24
CA GLU A 370 -47.33 -4.90 12.28
C GLU A 370 -48.11 -4.90 10.95
N GLU A 371 -49.41 -4.55 11.00
CA GLU A 371 -50.24 -4.28 9.81
C GLU A 371 -50.03 -2.80 9.41
N GLN A 372 -50.33 -2.44 8.16
CA GLN A 372 -50.08 -1.06 7.60
C GLN A 372 -51.09 -0.74 6.48
N SER A 373 -51.34 0.56 6.23
CA SER A 373 -52.31 1.07 5.22
C SER A 373 -51.70 1.02 3.81
N PRO A 374 -52.00 -0.02 2.99
CA PRO A 374 -51.29 -0.24 1.72
C PRO A 374 -51.11 1.03 0.86
N ASP A 376 -48.90 3.09 2.52
CA ASP A 376 -48.09 2.85 3.74
C ASP A 376 -47.40 1.48 3.62
N ALA A 377 -48.11 0.46 3.16
CA ALA A 377 -47.60 -0.92 2.99
C ALA A 377 -47.04 -1.11 1.57
N GLU A 378 -47.43 -0.23 0.64
CA GLU A 378 -47.06 -0.31 -0.80
C GLU A 378 -45.56 -0.04 -0.95
N ASP A 379 -44.97 0.76 -0.07
CA ASP A 379 -43.60 1.31 -0.23
C ASP A 379 -42.62 0.70 0.79
N GLY A 380 -43.01 -0.37 1.50
CA GLY A 380 -42.04 -1.21 2.24
C GLY A 380 -42.62 -1.93 3.46
N PRO A 381 -41.82 -2.81 4.10
CA PRO A 381 -42.30 -3.58 5.23
C PRO A 381 -42.41 -2.66 6.43
N PRO A 382 -43.15 -3.03 7.50
CA PRO A 382 -43.38 -2.11 8.61
C PRO A 382 -42.11 -1.79 9.43
N GLU A 383 -41.11 -2.67 9.40
CA GLU A 383 -39.84 -2.51 10.18
C GLU A 383 -38.88 -1.57 9.43
N LEU A 384 -39.22 -1.11 8.23
CA LEU A 384 -38.41 -0.10 7.51
C LEU A 384 -38.87 1.29 7.97
N LEU A 385 -38.10 1.92 8.84
CA LEU A 385 -38.48 3.22 9.48
C LEU A 385 -38.27 4.36 8.48
N PHE A 386 -37.18 4.32 7.70
CA PHE A 386 -36.75 5.48 6.88
C PHE A 386 -35.80 5.03 5.79
N ILE A 387 -35.96 5.63 4.60
CA ILE A 387 -35.03 5.51 3.45
C ILE A 387 -34.41 6.89 3.23
N HIS A 388 -33.10 6.97 3.33
CA HIS A 388 -32.33 8.19 3.03
C HIS A 388 -31.87 8.09 1.57
N GLY A 389 -32.45 8.94 0.69
CA GLY A 389 -32.15 8.96 -0.76
C GLY A 389 -31.27 10.15 -1.15
N GLY A 390 -30.55 10.72 -0.18
CA GLY A 390 -29.72 11.92 -0.35
C GLY A 390 -28.54 11.69 -1.28
N HIS A 391 -28.02 10.47 -1.39
CA HIS A 391 -26.78 10.17 -2.14
C HIS A 391 -27.14 9.74 -3.57
N THR A 392 -26.38 10.21 -4.55
CA THR A 392 -26.57 9.90 -6.00
C THR A 392 -25.44 9.01 -6.47
N ALA A 393 -24.61 8.53 -5.55
CA ALA A 393 -23.56 7.53 -5.82
C ALA A 393 -23.60 6.48 -4.72
N LYS A 394 -22.86 5.39 -4.92
CA LYS A 394 -22.78 4.25 -4.01
C LYS A 394 -22.30 4.78 -2.66
N ILE A 395 -22.95 4.36 -1.57
CA ILE A 395 -22.54 4.77 -0.20
C ILE A 395 -21.44 3.81 0.26
N SER A 396 -20.29 4.33 0.69
CA SER A 396 -19.15 3.49 1.13
C SER A 396 -19.22 3.21 2.65
N ASP A 397 -19.55 4.20 3.47
CA ASP A 397 -19.55 4.04 4.95
C ASP A 397 -20.50 5.05 5.57
N PHE A 398 -20.85 4.85 6.84
CA PHE A 398 -21.68 5.81 7.61
C PHE A 398 -21.43 5.56 9.09
N SER A 399 -21.75 6.55 9.89
CA SER A 399 -21.50 6.56 11.34
C SER A 399 -22.67 7.26 12.00
N TRP A 400 -23.26 6.62 13.00
CA TRP A 400 -24.21 7.25 13.95
C TRP A 400 -23.46 8.21 14.88
N ASN A 401 -23.88 9.46 14.97
CA ASN A 401 -23.30 10.39 15.96
C ASN A 401 -23.62 9.87 17.37
N PRO A 402 -22.59 9.61 18.22
CA PRO A 402 -22.80 9.01 19.54
C PRO A 402 -23.27 10.02 20.59
N ASN A 403 -23.25 11.32 20.24
CA ASN A 403 -23.57 12.46 21.14
C ASN A 403 -24.88 13.16 20.75
N GLU A 404 -25.37 13.01 19.51
CA GLU A 404 -26.67 13.61 19.07
C GLU A 404 -27.54 12.51 18.50
N PRO A 405 -28.56 12.02 19.26
CA PRO A 405 -29.45 10.97 18.78
C PRO A 405 -29.95 11.28 17.37
N TRP A 406 -29.87 10.29 16.48
CA TRP A 406 -30.55 10.24 15.16
C TRP A 406 -29.76 11.02 14.11
N VAL A 407 -28.62 11.60 14.48
CA VAL A 407 -27.71 12.18 13.47
C VAL A 407 -26.84 11.07 12.90
N ILE A 408 -26.79 11.03 11.58
CA ILE A 408 -25.90 10.12 10.81
C ILE A 408 -25.02 10.96 9.87
N CYS A 409 -23.75 10.59 9.76
CA CYS A 409 -22.85 10.95 8.66
C CYS A 409 -22.71 9.77 7.69
N SER A 410 -23.00 9.99 6.40
CA SER A 410 -22.81 9.00 5.29
C SER A 410 -21.92 9.63 4.21
N VAL A 411 -21.05 8.81 3.60
CA VAL A 411 -20.10 9.24 2.53
C VAL A 411 -20.28 8.35 1.30
N SER A 412 -20.26 8.94 0.10
CA SER A 412 -20.43 8.20 -1.18
C SER A 412 -19.21 8.34 -2.10
N GLU A 413 -19.20 7.52 -3.17
CA GLU A 413 -18.03 7.34 -4.09
C GLU A 413 -17.82 8.60 -4.93
N ASP A 414 -18.80 9.48 -5.00
CA ASP A 414 -18.78 10.71 -5.82
C ASP A 414 -18.03 11.82 -5.05
N ASN A 415 -17.82 11.65 -3.74
CA ASN A 415 -17.06 12.56 -2.82
C ASN A 415 -18.03 13.24 -1.85
N ILE A 416 -19.35 13.04 -2.00
CA ILE A 416 -20.35 13.70 -1.13
C ILE A 416 -20.26 13.09 0.28
N MET A 417 -20.29 13.95 1.29
CA MET A 417 -20.54 13.64 2.71
C MET A 417 -21.82 14.35 3.14
N GLN A 418 -22.76 13.63 3.76
CA GLN A 418 -24.02 14.21 4.25
C GLN A 418 -24.09 13.97 5.75
N VAL A 419 -24.44 14.99 6.50
CA VAL A 419 -24.76 14.87 7.95
C VAL A 419 -26.24 15.22 8.09
N TRP A 420 -27.03 14.27 8.57
CA TRP A 420 -28.49 14.37 8.43
C TRP A 420 -29.21 13.70 9.58
N GLN A 421 -30.47 14.04 9.73
CA GLN A 421 -31.30 13.60 10.85
C GLN A 421 -32.73 13.57 10.35
N MET A 422 -33.36 12.40 10.33
CA MET A 422 -34.77 12.31 9.91
C MET A 422 -35.60 13.13 10.90
N ALA A 423 -36.80 13.51 10.49
CA ALA A 423 -37.77 14.32 11.29
C ALA A 423 -38.19 13.58 12.55
N GLU A 424 -38.25 14.31 13.68
CA GLU A 424 -38.62 13.79 15.01
C GLU A 424 -39.93 13.02 14.91
N ASN A 425 -40.85 13.47 14.05
CA ASN A 425 -42.21 12.87 13.91
C ASN A 425 -42.09 11.46 13.34
N ILE A 426 -41.00 11.14 12.63
CA ILE A 426 -40.83 9.80 12.00
C ILE A 426 -40.48 8.75 13.06
N TYR A 427 -39.58 9.05 14.01
CA TYR A 427 -39.23 8.14 15.13
C TYR A 427 -40.12 8.43 16.36
N ASN A 428 -40.29 9.68 16.78
CA ASN A 428 -41.09 10.05 17.99
C ASN A 428 -42.55 10.27 17.58
N ALA B 24 37.95 -23.12 -32.00
CA ALA B 24 36.54 -22.88 -32.46
C ALA B 24 35.55 -23.55 -31.48
N ALA B 25 34.95 -24.68 -31.87
CA ALA B 25 34.19 -25.61 -30.99
C ALA B 25 35.09 -26.12 -29.85
N PHE B 26 36.41 -26.24 -30.11
CA PHE B 26 37.45 -26.65 -29.12
C PHE B 26 37.39 -25.72 -27.90
N ASP B 27 37.37 -24.40 -28.13
CA ASP B 27 37.44 -23.35 -27.08
C ASP B 27 36.14 -23.33 -26.26
N ASP B 28 34.98 -23.48 -26.91
CA ASP B 28 33.65 -23.61 -26.24
C ASP B 28 33.64 -24.85 -25.32
N ALA B 29 34.11 -25.99 -25.82
CA ALA B 29 34.17 -27.27 -25.07
C ALA B 29 35.03 -27.08 -23.82
N VAL B 30 36.20 -26.46 -23.98
CA VAL B 30 37.13 -26.17 -22.84
C VAL B 30 36.42 -25.21 -21.87
N GLU B 31 35.56 -24.33 -22.41
CA GLU B 31 34.82 -23.30 -21.62
C GLU B 31 33.70 -23.99 -20.82
N GLU B 32 32.94 -24.92 -21.41
CA GLU B 32 31.91 -25.70 -20.65
C GLU B 32 32.60 -26.48 -19.51
N ARG B 33 33.77 -27.06 -19.78
CA ARG B 33 34.58 -27.85 -18.78
C ARG B 33 35.04 -26.92 -17.67
N VAL B 34 35.58 -25.74 -17.99
CA VAL B 34 36.12 -24.78 -16.97
C VAL B 34 34.96 -24.35 -16.08
N ILE B 35 33.82 -23.98 -16.65
CA ILE B 35 32.63 -23.46 -15.89
C ILE B 35 32.07 -24.58 -15.01
N ASN B 36 31.86 -25.77 -15.59
CA ASN B 36 31.33 -26.98 -14.92
C ASN B 36 32.23 -27.36 -13.75
N GLU B 37 33.56 -27.39 -13.94
CA GLU B 37 34.57 -27.80 -12.91
C GLU B 37 34.61 -26.79 -11.75
N GLU B 38 34.68 -25.50 -12.07
CA GLU B 38 34.69 -24.42 -11.06
C GLU B 38 33.37 -24.47 -10.27
N TYR B 39 32.25 -24.79 -10.92
CA TYR B 39 30.92 -24.88 -10.24
C TYR B 39 30.91 -26.09 -9.28
N LYS B 40 31.47 -27.23 -9.69
CA LYS B 40 31.59 -28.45 -8.84
C LYS B 40 32.34 -28.09 -7.54
N ILE B 41 33.48 -27.43 -7.67
CA ILE B 41 34.33 -27.00 -6.53
C ILE B 41 33.52 -26.02 -5.65
N TRP B 42 32.89 -25.03 -6.27
CA TRP B 42 32.01 -24.07 -5.54
C TRP B 42 30.97 -24.85 -4.73
N LYS B 43 30.21 -25.74 -5.37
CA LYS B 43 29.11 -26.48 -4.69
C LYS B 43 29.70 -27.21 -3.47
N LYS B 44 30.85 -27.90 -3.64
CA LYS B 44 31.54 -28.68 -2.55
C LYS B 44 31.84 -27.77 -1.36
N ASN B 45 32.24 -26.53 -1.63
CA ASN B 45 32.87 -25.63 -0.62
C ASN B 45 31.81 -24.75 0.06
N THR B 46 30.55 -24.77 -0.39
CA THR B 46 29.49 -23.90 0.19
C THR B 46 29.41 -24.16 1.69
N PRO B 47 29.44 -25.42 2.19
CA PRO B 47 29.23 -25.68 3.61
C PRO B 47 30.15 -24.89 4.56
N PHE B 48 31.22 -24.27 4.06
CA PHE B 48 32.14 -23.49 4.92
C PHE B 48 32.32 -22.04 4.42
N LEU B 49 31.87 -21.71 3.19
CA LEU B 49 31.95 -20.33 2.63
C LEU B 49 30.67 -19.54 2.91
N TYR B 50 29.54 -20.23 3.12
CA TYR B 50 28.20 -19.59 3.27
C TYR B 50 27.54 -20.03 4.57
N ASP B 51 26.90 -19.08 5.24
CA ASP B 51 25.91 -19.34 6.33
C ASP B 51 24.55 -19.63 5.70
N LEU B 52 24.33 -19.18 4.47
CA LEU B 52 23.08 -19.50 3.73
C LEU B 52 23.35 -19.53 2.25
N VAL B 53 22.78 -20.50 1.55
CA VAL B 53 22.75 -20.50 0.08
C VAL B 53 21.47 -21.22 -0.36
N MET B 54 20.61 -20.52 -1.09
CA MET B 54 19.34 -21.02 -1.68
C MET B 54 19.39 -20.73 -3.18
N THR B 55 19.23 -21.75 -4.01
CA THR B 55 19.22 -21.63 -5.49
C THR B 55 17.81 -21.95 -6.00
N HIS B 56 17.30 -21.19 -6.96
CA HIS B 56 15.95 -21.38 -7.53
C HIS B 56 16.02 -21.10 -9.02
N ALA B 57 15.50 -22.00 -9.85
CA ALA B 57 15.37 -21.79 -11.30
C ALA B 57 14.03 -21.08 -11.55
N LEU B 58 14.07 -19.83 -11.96
CA LEU B 58 12.87 -19.07 -12.35
C LEU B 58 12.37 -19.66 -13.67
N GLU B 59 11.08 -19.55 -13.93
CA GLU B 59 10.45 -19.90 -15.23
C GLU B 59 11.26 -19.27 -16.36
N TRP B 60 11.54 -17.96 -16.25
CA TRP B 60 12.33 -17.17 -17.23
C TRP B 60 13.44 -16.40 -16.51
N PRO B 61 14.57 -16.09 -17.18
CA PRO B 61 15.59 -15.22 -16.60
C PRO B 61 14.99 -13.85 -16.20
N SER B 62 15.43 -13.31 -15.05
CA SER B 62 15.15 -11.91 -14.65
C SER B 62 16.39 -11.07 -14.90
N LEU B 63 16.20 -9.91 -15.55
CA LEU B 63 17.27 -8.91 -15.71
C LEU B 63 17.40 -8.09 -14.43
N THR B 64 16.47 -8.24 -13.50
CA THR B 64 16.26 -7.26 -12.41
C THR B 64 15.97 -7.98 -11.10
N ALA B 65 16.43 -7.40 -9.98
CA ALA B 65 16.08 -7.88 -8.64
C ALA B 65 16.14 -6.74 -7.63
N GLN B 66 15.13 -6.63 -6.80
CA GLN B 66 15.11 -5.62 -5.71
C GLN B 66 14.28 -6.16 -4.57
N TRP B 67 14.86 -6.23 -3.37
CA TRP B 67 14.07 -6.58 -2.18
C TRP B 67 13.02 -5.48 -1.94
N LEU B 68 11.79 -5.87 -1.66
CA LEU B 68 10.80 -4.93 -1.08
C LEU B 68 11.17 -4.71 0.38
N PRO B 69 10.77 -3.58 1.00
CA PRO B 69 11.29 -3.22 2.32
C PRO B 69 10.66 -3.99 3.48
N ASP B 70 9.62 -4.80 3.22
CA ASP B 70 8.82 -5.46 4.29
C ASP B 70 9.37 -6.84 4.66
N VAL B 71 9.38 -7.12 5.95
CA VAL B 71 9.64 -8.47 6.52
C VAL B 71 8.46 -8.83 7.44
N THR B 72 8.02 -10.08 7.36
CA THR B 72 7.01 -10.65 8.26
C THR B 72 7.70 -11.73 9.08
N ARG B 73 7.46 -11.70 10.40
CA ARG B 73 8.02 -12.71 11.33
C ARG B 73 6.84 -13.39 12.02
N PRO B 74 6.19 -14.39 11.39
CA PRO B 74 5.00 -15.03 11.96
C PRO B 74 5.29 -15.59 13.35
N GLU B 75 4.47 -15.26 14.34
CA GLU B 75 4.67 -15.68 15.75
C GLU B 75 4.74 -17.22 15.81
N GLY B 76 5.69 -17.76 16.59
CA GLY B 76 5.91 -19.22 16.72
C GLY B 76 6.09 -19.93 15.39
N LYS B 77 6.80 -19.31 14.43
CA LYS B 77 7.39 -19.98 13.24
C LYS B 77 8.90 -19.73 13.27
N ASP B 78 9.70 -20.51 12.55
CA ASP B 78 11.19 -20.41 12.62
C ASP B 78 11.73 -19.74 11.33
N PHE B 79 10.89 -19.06 10.54
CA PHE B 79 11.30 -18.31 9.33
C PHE B 79 10.69 -16.89 9.35
N SER B 80 11.30 -16.00 8.59
CA SER B 80 10.77 -14.67 8.23
C SER B 80 10.43 -14.66 6.73
N ILE B 81 9.45 -13.86 6.35
CA ILE B 81 8.98 -13.77 4.94
C ILE B 81 9.43 -12.44 4.38
N HIS B 82 10.12 -12.47 3.25
CA HIS B 82 10.70 -11.31 2.53
C HIS B 82 10.14 -11.36 1.13
N ARG B 83 10.23 -10.28 0.37
CA ARG B 83 9.65 -10.25 -0.98
C ARG B 83 10.61 -9.57 -1.93
N LEU B 84 10.56 -10.00 -3.19
CA LEU B 84 11.44 -9.53 -4.27
C LEU B 84 10.58 -9.01 -5.39
N VAL B 85 10.99 -7.90 -6.02
CA VAL B 85 10.50 -7.48 -7.36
C VAL B 85 11.47 -8.08 -8.39
N LEU B 86 10.89 -8.82 -9.32
CA LEU B 86 11.59 -9.55 -10.40
C LEU B 86 10.86 -9.23 -11.68
N GLY B 87 11.43 -9.62 -12.81
CA GLY B 87 10.73 -9.58 -14.10
C GLY B 87 11.07 -10.80 -14.91
N THR B 88 10.68 -10.79 -16.18
CA THR B 88 11.00 -11.84 -17.18
C THR B 88 11.76 -11.23 -18.34
N HIS B 89 12.50 -12.10 -18.99
CA HIS B 89 13.18 -11.89 -20.28
C HIS B 89 12.98 -13.15 -21.10
N THR B 90 11.84 -13.24 -21.80
CA THR B 90 11.39 -14.45 -22.55
C THR B 90 12.05 -14.49 -23.94
N SER B 91 12.16 -15.70 -24.53
CA SER B 91 12.60 -15.99 -25.92
C SER B 91 11.43 -15.77 -26.91
N ASP B 92 10.87 -14.55 -26.91
CA ASP B 92 9.64 -14.14 -27.66
C ASP B 92 8.45 -14.95 -27.11
N GLU B 93 8.16 -14.78 -25.81
CA GLU B 93 6.94 -15.23 -25.11
C GLU B 93 6.34 -14.03 -24.38
N GLN B 94 5.21 -14.22 -23.71
CA GLN B 94 4.56 -13.20 -22.85
C GLN B 94 5.50 -12.87 -21.70
N ASN B 95 5.74 -11.59 -21.43
CA ASN B 95 6.57 -11.19 -20.26
C ASN B 95 5.68 -10.84 -19.07
N HIS B 96 6.25 -10.83 -17.85
CA HIS B 96 5.54 -10.50 -16.59
C HIS B 96 6.44 -9.70 -15.67
N LEU B 97 5.85 -8.75 -14.98
CA LEU B 97 6.37 -8.18 -13.72
C LEU B 97 5.95 -9.11 -12.59
N VAL B 98 6.89 -9.54 -11.76
CA VAL B 98 6.71 -10.62 -10.74
C VAL B 98 7.03 -10.08 -9.34
N ILE B 99 6.17 -10.35 -8.37
CA ILE B 99 6.55 -10.28 -6.94
C ILE B 99 6.69 -11.71 -6.44
N ALA B 100 7.86 -12.07 -5.91
CA ALA B 100 8.15 -13.36 -5.27
C ALA B 100 8.24 -13.17 -3.75
N SER B 101 7.80 -14.16 -2.98
CA SER B 101 8.05 -14.28 -1.53
C SER B 101 9.17 -15.31 -1.29
N VAL B 102 9.98 -15.05 -0.29
CA VAL B 102 11.19 -15.84 0.10
C VAL B 102 11.08 -16.08 1.59
N GLN B 103 11.10 -17.32 2.05
CA GLN B 103 11.20 -17.68 3.49
C GLN B 103 12.68 -17.82 3.85
N LEU B 104 13.14 -17.08 4.85
CA LEU B 104 14.53 -17.10 5.35
C LEU B 104 14.54 -17.63 6.78
N PRO B 105 15.38 -18.64 7.09
CA PRO B 105 15.46 -19.18 8.46
C PRO B 105 15.77 -18.16 9.56
N ASN B 106 15.16 -18.34 10.73
CA ASN B 106 15.50 -17.63 12.00
C ASN B 106 16.75 -18.28 12.61
N GLY B 131 13.46 -23.38 3.40
CA GLY B 131 13.19 -22.02 2.87
C GLY B 131 12.56 -22.12 1.46
N LYS B 132 11.26 -21.81 1.37
CA LYS B 132 10.45 -21.85 0.12
C LYS B 132 10.58 -20.50 -0.61
N ILE B 133 10.61 -20.53 -1.94
CA ILE B 133 10.57 -19.37 -2.87
C ILE B 133 9.38 -19.56 -3.82
N GLU B 134 8.32 -18.78 -3.66
CA GLU B 134 7.07 -18.87 -4.47
C GLU B 134 6.75 -17.51 -5.10
N ILE B 135 6.10 -17.53 -6.28
CA ILE B 135 5.59 -16.33 -7.00
C ILE B 135 4.26 -15.92 -6.36
N GLU B 136 4.13 -14.66 -5.88
CA GLU B 136 2.88 -14.13 -5.28
C GLU B 136 2.03 -13.42 -6.35
N ILE B 137 2.66 -12.75 -7.32
CA ILE B 137 1.95 -11.85 -8.29
C ILE B 137 2.69 -11.91 -9.62
N LYS B 138 1.97 -12.11 -10.72
CA LYS B 138 2.43 -11.94 -12.12
C LYS B 138 1.52 -10.92 -12.81
N ILE B 139 2.09 -9.88 -13.39
CA ILE B 139 1.35 -8.82 -14.11
C ILE B 139 1.89 -8.79 -15.54
N ASN B 140 0.98 -8.94 -16.51
CA ASN B 140 1.30 -8.84 -17.95
C ASN B 140 2.13 -7.57 -18.21
N HIS B 141 3.21 -7.75 -18.94
CA HIS B 141 4.21 -6.70 -19.23
C HIS B 141 4.54 -6.76 -20.72
N GLU B 142 4.51 -5.62 -21.43
CA GLU B 142 4.91 -5.53 -22.87
C GLU B 142 6.45 -5.59 -22.95
N GLY B 143 6.98 -6.71 -23.45
CA GLY B 143 8.43 -6.90 -23.62
C GLY B 143 9.09 -7.27 -22.31
N GLU B 144 10.39 -7.52 -22.33
CA GLU B 144 11.14 -7.95 -21.12
C GLU B 144 11.20 -6.76 -20.15
N VAL B 145 11.25 -7.08 -18.88
CA VAL B 145 11.45 -6.08 -17.79
C VAL B 145 12.95 -5.83 -17.71
N ASN B 146 13.42 -4.79 -18.38
CA ASN B 146 14.85 -4.38 -18.33
C ASN B 146 15.22 -4.08 -16.88
N ARG B 147 14.34 -3.36 -16.16
CA ARG B 147 14.56 -2.99 -14.74
C ARG B 147 13.21 -2.67 -14.13
N ALA B 148 13.02 -3.03 -12.87
CA ALA B 148 11.84 -2.70 -12.04
C ALA B 148 12.31 -2.20 -10.68
N ARG B 149 11.77 -1.06 -10.23
CA ARG B 149 12.15 -0.43 -8.93
C ARG B 149 10.89 0.06 -8.25
N TYR B 150 10.75 -0.22 -6.95
CA TYR B 150 9.59 0.21 -6.13
C TYR B 150 9.81 1.65 -5.67
N MET B 151 8.72 2.38 -5.46
CA MET B 151 8.77 3.79 -5.03
C MET B 151 8.92 3.82 -3.52
N PRO B 152 10.01 4.40 -2.96
CA PRO B 152 10.25 4.29 -1.52
C PRO B 152 9.07 4.79 -0.68
N GLN B 153 8.32 5.78 -1.17
CA GLN B 153 7.26 6.41 -0.35
C GLN B 153 5.97 5.57 -0.43
N ASN B 154 5.81 4.72 -1.44
CA ASN B 154 4.67 3.75 -1.52
C ASN B 154 5.14 2.54 -2.33
N PRO B 155 5.63 1.49 -1.64
CA PRO B 155 6.30 0.38 -2.31
C PRO B 155 5.39 -0.54 -3.14
N CYS B 156 4.07 -0.25 -3.19
CA CYS B 156 3.09 -0.86 -4.14
C CYS B 156 3.29 -0.33 -5.56
N ILE B 157 3.95 0.81 -5.70
CA ILE B 157 4.19 1.50 -6.99
C ILE B 157 5.52 1.03 -7.54
N ILE B 158 5.50 0.43 -8.74
CA ILE B 158 6.71 -0.10 -9.40
C ILE B 158 6.84 0.59 -10.74
N ALA B 159 8.01 1.13 -11.03
CA ALA B 159 8.34 1.61 -12.38
C ALA B 159 9.10 0.51 -13.08
N THR B 160 8.86 0.31 -14.38
CA THR B 160 9.62 -0.66 -15.19
C THR B 160 10.19 0.05 -16.41
N LYS B 161 11.34 -0.42 -16.86
CA LYS B 161 11.95 -0.07 -18.14
C LYS B 161 11.71 -1.25 -19.09
N THR B 162 11.32 -0.95 -20.32
CA THR B 162 10.88 -1.95 -21.31
C THR B 162 11.78 -1.84 -22.53
N PRO B 163 11.72 -2.82 -23.46
CA PRO B 163 12.54 -2.79 -24.68
C PRO B 163 12.08 -1.70 -25.67
N SER B 164 10.99 -1.01 -25.37
CA SER B 164 10.53 0.16 -26.14
C SER B 164 10.78 1.45 -25.34
N SER B 165 10.26 2.58 -25.82
CA SER B 165 10.56 3.94 -25.33
C SER B 165 9.87 4.16 -23.98
N ASP B 166 8.69 3.58 -23.81
CA ASP B 166 7.78 3.85 -22.68
C ASP B 166 8.40 3.28 -21.40
N VAL B 167 8.35 4.10 -20.35
CA VAL B 167 8.55 3.68 -18.94
C VAL B 167 7.16 3.49 -18.35
N LEU B 168 6.91 2.35 -17.73
CA LEU B 168 5.59 2.01 -17.21
C LEU B 168 5.57 2.13 -15.68
N VAL B 169 4.41 2.47 -15.13
CA VAL B 169 4.19 2.46 -13.66
C VAL B 169 3.01 1.55 -13.37
N PHE B 170 3.18 0.67 -12.40
CA PHE B 170 2.15 -0.28 -11.93
C PHE B 170 1.93 -0.02 -10.46
N ASP B 171 0.68 0.13 -10.04
CA ASP B 171 0.31 -0.12 -8.63
C ASP B 171 -0.14 -1.57 -8.60
N TYR B 172 0.70 -2.47 -8.11
CA TYR B 172 0.45 -3.93 -8.18
C TYR B 172 -0.79 -4.32 -7.37
N THR B 173 -1.29 -3.48 -6.44
CA THR B 173 -2.57 -3.74 -5.71
C THR B 173 -3.79 -3.52 -6.63
N LYS B 174 -3.61 -2.92 -7.81
CA LYS B 174 -4.72 -2.59 -8.76
C LYS B 174 -4.75 -3.58 -9.92
N HIS B 175 -4.17 -4.76 -9.72
CA HIS B 175 -4.02 -5.82 -10.75
C HIS B 175 -4.33 -7.13 -10.06
N PRO B 176 -4.89 -8.12 -10.80
CA PRO B 176 -5.08 -9.48 -10.25
C PRO B 176 -3.74 -10.17 -9.92
N SER B 177 -3.78 -11.19 -9.05
CA SER B 177 -2.63 -12.11 -8.78
C SER B 177 -2.41 -12.99 -10.01
N LYS B 178 -3.50 -13.46 -10.61
CA LYS B 178 -3.53 -14.26 -11.88
C LYS B 178 -3.71 -13.30 -13.05
N PRO B 179 -2.74 -13.25 -14.00
CA PRO B 179 -2.87 -12.38 -15.16
C PRO B 179 -3.90 -12.90 -16.18
N ASP B 180 -4.44 -12.00 -16.99
CA ASP B 180 -5.28 -12.39 -18.17
C ASP B 180 -4.39 -13.08 -19.20
N PRO B 181 -4.74 -14.32 -19.64
CA PRO B 181 -3.97 -15.01 -20.67
C PRO B 181 -3.89 -14.34 -22.06
N SER B 182 -4.70 -13.31 -22.31
CA SER B 182 -4.59 -12.43 -23.51
C SER B 182 -3.18 -11.84 -23.58
N GLY B 183 -2.53 -11.67 -22.42
CA GLY B 183 -1.20 -11.05 -22.27
C GLY B 183 -1.26 -9.54 -22.36
N GLU B 184 -2.45 -8.95 -22.46
CA GLU B 184 -2.56 -7.48 -22.71
C GLU B 184 -2.04 -6.76 -21.45
N CYS B 185 -1.16 -5.79 -21.67
CA CYS B 185 -0.49 -4.99 -20.63
C CYS B 185 -1.28 -3.70 -20.40
N ASN B 186 -1.82 -3.53 -19.20
CA ASN B 186 -2.58 -2.32 -18.81
C ASN B 186 -1.82 -1.59 -17.69
N PRO B 187 -0.77 -0.81 -18.02
CA PRO B 187 -0.03 -0.07 -17.00
C PRO B 187 -0.90 1.05 -16.41
N ASP B 188 -0.62 1.41 -15.18
CA ASP B 188 -1.37 2.47 -14.45
C ASP B 188 -0.93 3.83 -14.99
N LEU B 189 0.32 3.94 -15.44
CA LEU B 189 0.82 5.13 -16.18
C LEU B 189 1.77 4.68 -17.29
N ARG B 190 1.82 5.46 -18.38
CA ARG B 190 2.89 5.36 -19.41
C ARG B 190 3.64 6.67 -19.39
N LEU B 191 4.96 6.59 -19.21
CA LEU B 191 5.83 7.77 -19.07
C LEU B 191 6.59 7.95 -20.38
N ARG B 192 6.43 9.12 -21.00
CA ARG B 192 6.89 9.42 -22.39
C ARG B 192 8.01 10.45 -22.32
N GLY B 193 8.93 10.38 -23.28
CA GLY B 193 9.96 11.41 -23.51
C GLY B 193 11.23 10.82 -24.09
N HIS B 194 11.38 9.48 -24.04
CA HIS B 194 12.52 8.74 -24.66
C HIS B 194 12.18 8.29 -26.09
N GLN B 195 13.19 8.11 -26.92
CA GLN B 195 13.07 7.51 -28.29
C GLN B 195 13.58 6.07 -28.28
N LYS B 196 14.13 5.61 -27.15
CA LYS B 196 14.78 4.29 -27.03
C LYS B 196 14.63 3.73 -25.61
N GLU B 197 14.76 2.41 -25.52
CA GLU B 197 14.85 1.64 -24.26
C GLU B 197 16.11 2.04 -23.49
N GLY B 198 16.19 1.58 -22.26
CA GLY B 198 17.37 1.71 -21.40
C GLY B 198 17.24 0.85 -20.18
N TYR B 199 18.17 1.01 -19.23
CA TYR B 199 18.18 0.26 -17.95
C TYR B 199 17.95 1.20 -16.76
N GLY B 200 18.64 2.33 -16.70
CA GLY B 200 18.71 3.22 -15.53
C GLY B 200 17.33 3.70 -15.08
N LEU B 201 17.04 3.56 -13.79
CA LEU B 201 15.74 3.91 -13.16
C LEU B 201 16.00 4.28 -11.71
N SER B 202 15.56 5.44 -11.25
CA SER B 202 15.79 5.88 -9.85
C SER B 202 14.63 6.74 -9.36
N TRP B 203 14.03 6.37 -8.24
CA TRP B 203 13.04 7.21 -7.55
C TRP B 203 13.73 8.12 -6.53
N ASN B 204 13.26 9.35 -6.43
CA ASN B 204 13.76 10.32 -5.44
C ASN B 204 13.24 9.90 -4.07
N PRO B 205 14.13 9.53 -3.14
CA PRO B 205 13.73 9.15 -1.80
C PRO B 205 13.27 10.33 -0.92
N ASN B 206 13.33 11.58 -1.42
CA ASN B 206 13.00 12.80 -0.62
C ASN B 206 11.84 13.57 -1.25
N LEU B 207 11.47 13.24 -2.48
CA LEU B 207 10.38 13.89 -3.21
C LEU B 207 9.56 12.79 -3.87
N SER B 208 8.40 12.48 -3.30
CA SER B 208 7.57 11.34 -3.74
C SER B 208 7.19 11.53 -5.20
N GLY B 209 7.42 10.51 -6.02
CA GLY B 209 6.93 10.47 -7.40
C GLY B 209 7.91 11.05 -8.40
N HIS B 210 9.06 11.51 -7.95
CA HIS B 210 10.09 12.08 -8.86
C HIS B 210 10.94 10.92 -9.39
N LEU B 211 10.78 10.59 -10.66
CA LEU B 211 11.43 9.41 -11.28
C LEU B 211 12.40 9.86 -12.35
N LEU B 212 13.63 9.34 -12.30
CA LEU B 212 14.63 9.49 -13.38
C LEU B 212 14.73 8.20 -14.17
N SER B 213 15.03 8.31 -15.46
CA SER B 213 15.18 7.19 -16.40
C SER B 213 16.35 7.48 -17.34
N ALA B 214 17.26 6.51 -17.53
CA ALA B 214 18.38 6.58 -18.50
C ALA B 214 18.02 5.80 -19.75
N SER B 215 18.46 6.25 -20.90
CA SER B 215 18.09 5.62 -22.19
C SER B 215 19.27 5.51 -23.14
N ASP B 216 19.16 4.56 -24.06
CA ASP B 216 20.00 4.42 -25.27
C ASP B 216 19.87 5.66 -26.18
N ASP B 217 18.89 6.53 -25.99
CA ASP B 217 18.68 7.73 -26.83
C ASP B 217 19.62 8.86 -26.38
N HIS B 218 20.52 8.58 -25.43
CA HIS B 218 21.57 9.49 -24.92
C HIS B 218 21.00 10.47 -23.88
N THR B 219 19.74 10.32 -23.48
CA THR B 219 19.05 11.33 -22.63
C THR B 219 18.62 10.72 -21.30
N ILE B 220 18.44 11.58 -20.31
CA ILE B 220 17.79 11.28 -19.00
C ILE B 220 16.47 12.04 -18.94
N CYS B 221 15.39 11.35 -18.67
CA CYS B 221 14.05 11.93 -18.44
C CYS B 221 13.73 11.93 -16.94
N LEU B 222 13.05 12.98 -16.51
CA LEU B 222 12.51 13.18 -15.15
C LEU B 222 11.01 13.28 -15.30
N TRP B 223 10.25 12.50 -14.53
CA TRP B 223 8.78 12.66 -14.38
C TRP B 223 8.45 12.97 -12.93
N ASP B 224 7.37 13.71 -12.71
CA ASP B 224 6.76 13.90 -11.38
C ASP B 224 5.36 13.30 -11.46
N ILE B 225 5.17 12.08 -10.93
CA ILE B 225 3.86 11.37 -11.01
C ILE B 225 3.00 11.68 -9.76
N SER B 226 3.46 12.58 -8.86
CA SER B 226 2.91 12.74 -7.48
C SER B 226 1.43 13.13 -7.53
N ALA B 227 1.04 14.01 -8.46
CA ALA B 227 -0.30 14.63 -8.53
C ALA B 227 -1.10 14.06 -9.72
N VAL B 228 -0.57 13.04 -10.40
CA VAL B 228 -1.15 12.50 -11.66
C VAL B 228 -2.08 11.33 -11.35
N PRO B 229 -3.38 11.41 -11.75
CA PRO B 229 -4.30 10.29 -11.59
C PRO B 229 -3.84 9.10 -12.46
N LYS B 230 -3.78 7.91 -11.86
CA LYS B 230 -3.15 6.69 -12.45
C LYS B 230 -4.25 5.77 -13.00
N GLU B 231 -4.80 6.14 -14.17
CA GLU B 231 -5.94 5.46 -14.81
C GLU B 231 -5.51 4.96 -16.21
N GLY B 232 -4.20 4.87 -16.47
CA GLY B 232 -3.64 4.50 -17.79
C GLY B 232 -3.16 5.73 -18.57
N LYS B 233 -3.32 6.92 -17.97
CA LYS B 233 -2.91 8.25 -18.51
C LYS B 233 -1.48 8.18 -19.06
N VAL B 234 -1.16 9.00 -20.07
CA VAL B 234 0.22 9.24 -20.57
C VAL B 234 0.75 10.51 -19.90
N VAL B 235 2.00 10.49 -19.47
CA VAL B 235 2.65 11.63 -18.79
C VAL B 235 3.90 11.97 -19.57
N ASP B 236 4.04 13.24 -19.94
CA ASP B 236 5.25 13.77 -20.63
C ASP B 236 6.33 14.11 -19.60
N ALA B 237 7.58 13.85 -19.95
CA ALA B 237 8.76 14.21 -19.13
C ALA B 237 8.62 15.66 -18.67
N LYS B 238 8.91 15.93 -17.40
CA LYS B 238 9.02 17.30 -16.83
C LYS B 238 10.30 17.96 -17.35
N THR B 239 11.38 17.20 -17.43
CA THR B 239 12.71 17.71 -17.80
C THR B 239 13.43 16.59 -18.53
N ILE B 240 14.18 16.93 -19.58
CA ILE B 240 15.06 15.99 -20.31
C ILE B 240 16.48 16.56 -20.28
N PHE B 241 17.41 15.79 -19.75
CA PHE B 241 18.84 16.14 -19.60
C PHE B 241 19.63 15.47 -20.70
N THR B 242 20.41 16.27 -21.44
CA THR B 242 20.96 15.88 -22.78
C THR B 242 22.48 16.00 -22.79
N GLY B 243 23.15 15.97 -21.65
CA GLY B 243 24.60 16.25 -21.56
C GLY B 243 25.46 15.13 -22.12
N HIS B 244 25.00 13.87 -22.02
CA HIS B 244 25.77 12.70 -22.48
C HIS B 244 25.76 12.70 -24.02
N THR B 245 26.80 12.14 -24.62
CA THR B 245 27.00 12.04 -26.10
C THR B 245 26.90 10.58 -26.54
N ALA B 246 26.34 9.70 -25.71
CA ALA B 246 26.25 8.25 -26.00
C ALA B 246 25.19 7.61 -25.11
N VAL B 247 24.91 6.33 -25.32
CA VAL B 247 23.93 5.59 -24.50
C VAL B 247 24.15 5.95 -23.00
N VAL B 248 23.10 6.38 -22.31
CA VAL B 248 23.15 6.60 -20.82
C VAL B 248 22.76 5.29 -20.14
N GLU B 249 23.67 4.71 -19.38
CA GLU B 249 23.52 3.33 -18.83
C GLU B 249 22.77 3.38 -17.51
N ASP B 250 23.02 4.38 -16.66
CA ASP B 250 22.46 4.35 -15.29
C ASP B 250 22.27 5.79 -14.79
N VAL B 251 21.34 5.95 -13.88
CA VAL B 251 21.01 7.24 -13.24
C VAL B 251 20.63 6.91 -11.79
N SER B 252 21.04 7.74 -10.84
CA SER B 252 20.69 7.53 -9.42
C SER B 252 20.54 8.88 -8.72
N TRP B 253 19.47 9.04 -7.95
CA TRP B 253 19.31 10.16 -7.01
C TRP B 253 20.35 10.05 -5.89
N HIS B 254 20.84 11.21 -5.46
CA HIS B 254 21.47 11.34 -4.14
C HIS B 254 20.45 10.94 -3.08
N LEU B 255 20.90 10.41 -1.97
CA LEU B 255 19.99 9.89 -0.92
C LEU B 255 19.62 11.00 0.08
N LEU B 256 20.36 12.11 0.13
N LEU B 256 20.33 12.14 0.10
CA LEU B 256 20.11 13.22 1.11
CA LEU B 256 20.19 13.21 1.13
C LEU B 256 19.70 14.48 0.37
C LEU B 256 19.86 14.56 0.49
N HIS B 257 20.49 14.90 -0.63
CA HIS B 257 20.27 16.15 -1.39
C HIS B 257 19.28 15.90 -2.52
N GLU B 258 18.08 16.46 -2.41
CA GLU B 258 16.87 16.08 -3.17
C GLU B 258 16.98 16.61 -4.61
N SER B 259 17.89 17.57 -4.82
CA SER B 259 18.14 18.23 -6.11
C SER B 259 19.21 17.48 -6.91
N LEU B 260 20.05 16.68 -6.24
CA LEU B 260 21.27 16.09 -6.84
C LEU B 260 21.00 14.67 -7.38
N PHE B 261 21.50 14.36 -8.57
CA PHE B 261 21.57 12.98 -9.10
C PHE B 261 22.84 12.82 -9.95
N GLY B 262 23.27 11.56 -10.13
CA GLY B 262 24.40 11.20 -11.02
C GLY B 262 23.94 10.35 -12.17
N SER B 263 24.68 10.39 -13.28
CA SER B 263 24.43 9.55 -14.48
C SER B 263 25.77 9.02 -14.98
N VAL B 264 25.76 7.84 -15.59
CA VAL B 264 26.97 7.26 -16.20
C VAL B 264 26.60 6.80 -17.61
N ALA B 265 27.54 6.84 -18.54
CA ALA B 265 27.23 6.56 -19.96
C ALA B 265 28.40 5.93 -20.69
N ASP B 266 28.09 5.54 -21.92
CA ASP B 266 29.04 4.84 -22.81
C ASP B 266 30.10 5.83 -23.27
N ASP B 267 29.88 7.14 -23.04
CA ASP B 267 30.86 8.22 -23.34
C ASP B 267 31.97 8.24 -22.29
N GLN B 268 31.98 7.27 -21.37
CA GLN B 268 33.02 7.04 -20.32
C GLN B 268 32.92 8.09 -19.20
N LYS B 269 31.84 8.88 -19.16
CA LYS B 269 31.66 10.04 -18.25
C LYS B 269 30.76 9.65 -17.06
N LEU B 270 31.14 10.11 -15.87
CA LEU B 270 30.21 10.34 -14.72
C LEU B 270 29.80 11.79 -14.71
N MET B 271 28.49 12.06 -14.74
CA MET B 271 27.95 13.43 -14.69
C MET B 271 27.07 13.60 -13.45
N ILE B 272 27.27 14.72 -12.77
CA ILE B 272 26.51 15.14 -11.57
C ILE B 272 25.60 16.29 -11.97
N TRP B 273 24.32 16.15 -11.70
CA TRP B 273 23.27 17.10 -12.11
C TRP B 273 22.61 17.73 -10.89
N ASP B 274 22.11 18.95 -11.04
CA ASP B 274 21.26 19.63 -10.02
C ASP B 274 19.97 20.09 -10.71
N THR B 275 18.82 19.62 -10.23
CA THR B 275 17.50 19.89 -10.86
C THR B 275 17.16 21.39 -10.83
N ARG B 276 17.87 22.19 -10.06
CA ARG B 276 17.63 23.65 -9.91
C ARG B 276 18.25 24.41 -11.08
N SER B 277 19.17 23.78 -11.83
CA SER B 277 19.75 24.32 -13.08
C SER B 277 18.66 24.62 -14.10
N ASN B 278 18.82 25.70 -14.86
CA ASN B 278 17.97 26.06 -16.02
C ASN B 278 18.60 25.47 -17.30
N ASN B 279 19.86 25.03 -17.22
CA ASN B 279 20.65 24.52 -18.37
C ASN B 279 20.66 22.99 -18.33
N THR B 280 19.75 22.34 -19.08
CA THR B 280 19.56 20.88 -19.10
C THR B 280 20.56 20.21 -20.05
N SER B 281 21.38 20.98 -20.77
CA SER B 281 22.33 20.45 -21.78
C SER B 281 23.72 20.21 -21.18
N LYS B 282 23.99 20.74 -19.98
CA LYS B 282 25.33 20.72 -19.34
C LYS B 282 25.15 20.36 -17.87
N PRO B 283 25.93 19.41 -17.32
CA PRO B 283 25.81 19.03 -15.90
C PRO B 283 26.61 19.96 -14.98
N SER B 284 26.36 19.92 -13.67
CA SER B 284 27.16 20.59 -12.62
C SER B 284 28.63 20.17 -12.72
N HIS B 285 28.89 18.87 -12.89
CA HIS B 285 30.26 18.29 -13.03
C HIS B 285 30.22 17.16 -14.04
N SER B 286 31.32 17.00 -14.78
CA SER B 286 31.55 15.90 -15.73
C SER B 286 32.97 15.42 -15.50
N VAL B 287 33.19 14.13 -15.23
CA VAL B 287 34.55 13.55 -15.11
C VAL B 287 34.68 12.38 -16.09
N ASP B 288 35.89 12.21 -16.61
CA ASP B 288 36.35 11.01 -17.34
C ASP B 288 36.59 9.93 -16.30
N ALA B 289 35.58 9.08 -16.09
CA ALA B 289 35.52 8.15 -14.95
C ALA B 289 36.37 6.93 -15.24
N HIS B 290 36.33 6.45 -16.49
CA HIS B 290 36.81 5.10 -16.84
C HIS B 290 37.41 5.10 -18.25
N THR B 291 38.11 4.02 -18.58
CA THR B 291 38.76 3.81 -19.90
C THR B 291 37.87 2.96 -20.82
N ALA B 292 36.58 2.82 -20.48
CA ALA B 292 35.53 2.23 -21.34
C ALA B 292 34.15 2.63 -20.78
N GLU B 293 33.09 2.04 -21.32
CA GLU B 293 31.68 2.38 -21.00
C GLU B 293 31.48 2.31 -19.48
N VAL B 294 30.67 3.21 -18.94
CA VAL B 294 30.30 3.18 -17.48
C VAL B 294 28.84 2.73 -17.41
N ASN B 295 28.60 1.60 -16.75
CA ASN B 295 27.29 0.90 -16.77
C ASN B 295 26.47 1.21 -15.53
N CYS B 296 27.09 1.67 -14.43
CA CYS B 296 26.39 1.70 -13.11
C CYS B 296 27.04 2.68 -12.16
N LEU B 297 26.21 3.22 -11.25
CA LEU B 297 26.67 4.07 -10.14
C LEU B 297 25.80 3.82 -8.92
N SER B 298 26.38 3.99 -7.73
CA SER B 298 25.65 3.89 -6.45
C SER B 298 26.26 4.91 -5.47
N PHE B 299 25.41 5.72 -4.86
CA PHE B 299 25.80 6.67 -3.79
C PHE B 299 25.91 5.92 -2.46
N ASN B 300 26.96 6.22 -1.68
CA ASN B 300 27.20 5.61 -0.35
C ASN B 300 26.13 6.17 0.60
N PRO B 301 25.28 5.33 1.22
CA PRO B 301 24.13 5.84 2.00
C PRO B 301 24.52 6.40 3.37
N TYR B 302 25.79 6.27 3.75
CA TYR B 302 26.33 6.77 5.05
C TYR B 302 27.23 8.00 4.85
N SER B 303 27.89 8.10 3.72
CA SER B 303 28.90 9.14 3.43
C SER B 303 28.47 9.91 2.20
N GLU B 304 27.96 11.12 2.41
CA GLU B 304 27.19 11.88 1.39
C GLU B 304 28.08 12.34 0.21
N PHE B 305 29.41 12.34 0.37
CA PHE B 305 30.35 12.81 -0.69
C PHE B 305 30.83 11.62 -1.55
N ILE B 306 30.50 10.38 -1.17
CA ILE B 306 31.17 9.16 -1.70
C ILE B 306 30.20 8.39 -2.61
N LEU B 307 30.70 7.94 -3.76
CA LEU B 307 29.93 7.07 -4.68
C LEU B 307 30.90 6.18 -5.45
N ALA B 308 30.37 5.15 -6.10
CA ALA B 308 31.14 4.15 -6.84
C ALA B 308 30.49 3.98 -8.21
N THR B 309 31.31 3.69 -9.21
CA THR B 309 30.89 3.45 -10.61
C THR B 309 31.51 2.14 -11.06
N GLY B 310 30.81 1.39 -11.88
CA GLY B 310 31.29 0.12 -12.43
C GLY B 310 31.32 0.20 -13.94
N SER B 311 32.27 -0.46 -14.58
CA SER B 311 32.60 -0.15 -15.98
C SER B 311 32.88 -1.41 -16.80
N ALA B 312 32.75 -1.27 -18.11
CA ALA B 312 33.28 -2.22 -19.11
C ALA B 312 34.81 -2.36 -18.97
N ASP B 313 35.51 -1.40 -18.35
CA ASP B 313 36.99 -1.50 -18.15
C ASP B 313 37.27 -2.47 -17.03
N LYS B 314 36.23 -3.10 -16.46
CA LYS B 314 36.33 -4.25 -15.49
C LYS B 314 36.71 -3.75 -14.08
N THR B 315 36.64 -2.45 -13.84
CA THR B 315 36.94 -1.81 -12.52
C THR B 315 35.68 -1.22 -11.91
N VAL B 316 35.69 -1.14 -10.59
CA VAL B 316 34.84 -0.20 -9.79
C VAL B 316 35.74 0.93 -9.33
N ALA B 317 35.35 2.16 -9.64
CA ALA B 317 36.03 3.38 -9.23
C ALA B 317 35.32 3.95 -7.99
N LEU B 318 36.09 4.49 -7.08
CA LEU B 318 35.59 5.17 -5.87
C LEU B 318 35.78 6.68 -6.06
N TRP B 319 34.73 7.45 -5.88
CA TRP B 319 34.68 8.92 -6.11
C TRP B 319 34.35 9.68 -4.83
N ASP B 320 34.91 10.89 -4.73
CA ASP B 320 34.53 11.96 -3.76
C ASP B 320 34.03 13.14 -4.57
N LEU B 321 32.75 13.47 -4.45
CA LEU B 321 32.09 14.60 -5.12
C LEU B 321 32.91 15.87 -4.95
N ARG B 322 33.69 16.01 -3.88
CA ARG B 322 34.34 17.30 -3.56
C ARG B 322 35.52 17.51 -4.52
N ASN B 323 36.10 16.43 -5.00
CA ASN B 323 37.28 16.46 -5.90
C ASN B 323 37.16 15.31 -6.90
N LEU B 324 36.31 15.49 -7.90
CA LEU B 324 36.06 14.46 -8.93
C LEU B 324 37.25 14.36 -9.91
N LYS B 325 38.17 15.32 -9.90
CA LYS B 325 39.42 15.31 -10.73
C LYS B 325 40.28 14.09 -10.35
N LEU B 326 40.26 13.65 -9.09
CA LEU B 326 41.09 12.51 -8.62
C LEU B 326 40.21 11.37 -8.12
N LYS B 327 40.20 10.26 -8.84
CA LYS B 327 39.57 8.97 -8.43
C LYS B 327 40.22 8.50 -7.13
N LEU B 328 39.44 8.06 -6.13
CA LEU B 328 40.01 7.73 -4.78
C LEU B 328 40.70 6.37 -4.86
N HIS B 329 40.13 5.45 -5.63
CA HIS B 329 40.53 4.03 -5.64
C HIS B 329 39.91 3.37 -6.88
N SER B 330 40.62 2.38 -7.38
CA SER B 330 40.15 1.49 -8.47
C SER B 330 40.19 0.08 -7.92
N PHE B 331 39.02 -0.54 -7.80
CA PHE B 331 38.84 -1.92 -7.32
C PHE B 331 39.00 -2.86 -8.53
N GLU B 332 40.00 -3.77 -8.47
CA GLU B 332 40.42 -4.61 -9.61
C GLU B 332 40.36 -6.07 -9.18
N SER B 333 39.60 -6.87 -9.93
CA SER B 333 39.56 -8.35 -9.78
C SER B 333 38.51 -8.96 -10.74
N HIS B 334 37.52 -8.20 -11.19
CA HIS B 334 36.57 -8.68 -12.24
C HIS B 334 37.32 -8.93 -13.56
N LYS B 335 36.94 -9.96 -14.30
CA LYS B 335 37.62 -10.38 -15.55
C LYS B 335 36.79 -9.95 -16.78
N ASP B 336 35.65 -9.29 -16.57
CA ASP B 336 34.78 -8.78 -17.66
C ASP B 336 33.89 -7.65 -17.15
N GLU B 337 33.01 -7.19 -18.02
CA GLU B 337 32.22 -5.95 -17.89
C GLU B 337 31.36 -6.03 -16.63
N ILE B 338 31.36 -4.96 -15.84
CA ILE B 338 30.52 -4.80 -14.63
C ILE B 338 29.23 -4.07 -15.03
N PHE B 339 28.07 -4.58 -14.63
CA PHE B 339 26.74 -3.98 -14.93
C PHE B 339 26.03 -3.46 -13.66
N GLN B 340 26.45 -3.90 -12.47
CA GLN B 340 25.78 -3.45 -11.22
C GLN B 340 26.81 -3.21 -10.12
N VAL B 341 26.64 -2.11 -9.37
N VAL B 341 26.55 -2.19 -9.29
CA VAL B 341 27.32 -1.83 -8.08
CA VAL B 341 27.34 -1.85 -8.08
C VAL B 341 26.26 -1.39 -7.08
C VAL B 341 26.37 -1.26 -7.05
N GLN B 342 26.40 -1.79 -5.82
CA GLN B 342 25.48 -1.40 -4.72
C GLN B 342 26.29 -1.41 -3.41
N TRP B 343 26.12 -0.37 -2.63
CA TRP B 343 26.62 -0.29 -1.23
C TRP B 343 25.75 -1.15 -0.32
N SER B 344 26.35 -1.78 0.68
CA SER B 344 25.68 -2.43 1.82
C SER B 344 24.72 -1.42 2.43
N PRO B 345 23.46 -1.81 2.71
CA PRO B 345 22.55 -0.96 3.48
C PRO B 345 23.01 -0.79 4.95
N HIS B 346 23.80 -1.72 5.46
CA HIS B 346 24.14 -1.85 6.91
C HIS B 346 25.55 -1.32 7.23
N ASN B 347 26.51 -1.42 6.30
CA ASN B 347 27.96 -1.29 6.63
C ASN B 347 28.60 -0.29 5.65
N GLU B 348 28.93 0.91 6.14
CA GLU B 348 29.37 2.09 5.33
C GLU B 348 30.62 1.80 4.47
N THR B 349 31.39 0.75 4.78
CA THR B 349 32.68 0.45 4.10
C THR B 349 32.48 -0.72 3.11
N ILE B 350 31.26 -1.22 2.96
CA ILE B 350 31.04 -2.49 2.24
C ILE B 350 30.28 -2.19 0.96
N LEU B 351 30.76 -2.77 -0.13
CA LEU B 351 30.34 -2.48 -1.52
C LEU B 351 30.31 -3.79 -2.28
N ALA B 352 29.40 -3.97 -3.24
CA ALA B 352 29.36 -5.20 -4.07
C ALA B 352 29.21 -4.82 -5.54
N SER B 353 29.79 -5.65 -6.43
CA SER B 353 29.75 -5.46 -7.89
C SER B 353 29.52 -6.82 -8.56
N SER B 354 28.86 -6.82 -9.72
CA SER B 354 28.52 -8.03 -10.50
C SER B 354 28.58 -7.71 -12.00
N GLY B 355 28.70 -8.74 -12.83
CA GLY B 355 28.63 -8.57 -14.28
C GLY B 355 28.89 -9.85 -15.05
N THR B 356 29.49 -9.68 -16.21
CA THR B 356 29.54 -10.66 -17.34
C THR B 356 30.48 -11.80 -16.98
N ASP B 357 31.39 -11.61 -16.01
CA ASP B 357 32.35 -12.65 -15.59
C ASP B 357 31.68 -13.67 -14.66
N ARG B 358 30.36 -13.56 -14.41
CA ARG B 358 29.58 -14.56 -13.63
C ARG B 358 30.03 -14.51 -12.16
N ARG B 359 30.61 -13.39 -11.74
CA ARG B 359 31.09 -13.18 -10.36
C ARG B 359 30.36 -11.99 -9.75
N LEU B 360 30.08 -12.10 -8.47
CA LEU B 360 29.69 -10.97 -7.61
C LEU B 360 30.76 -10.82 -6.53
N ASN B 361 31.51 -9.72 -6.58
CA ASN B 361 32.59 -9.40 -5.62
C ASN B 361 32.03 -8.49 -4.53
N VAL B 362 32.38 -8.79 -3.28
CA VAL B 362 32.13 -7.92 -2.13
C VAL B 362 33.46 -7.31 -1.72
N TRP B 363 33.49 -5.99 -1.60
CA TRP B 363 34.69 -5.17 -1.29
C TRP B 363 34.53 -4.52 0.09
N ASP B 364 35.65 -4.35 0.78
CA ASP B 364 35.72 -3.67 2.09
C ASP B 364 36.74 -2.54 1.99
N LEU B 365 36.26 -1.31 1.88
CA LEU B 365 37.10 -0.10 1.76
C LEU B 365 38.11 -0.04 2.92
N SER B 366 37.78 -0.62 4.08
CA SER B 366 38.54 -0.45 5.35
C SER B 366 39.91 -1.13 5.20
N LYS B 367 40.05 -2.03 4.22
CA LYS B 367 41.21 -2.93 4.06
C LYS B 367 42.11 -2.42 2.93
N ILE B 368 41.80 -1.26 2.33
CA ILE B 368 42.56 -0.64 1.21
C ILE B 368 43.95 -0.25 1.72
N GLY B 369 45.01 -0.77 1.09
CA GLY B 369 46.41 -0.45 1.39
C GLY B 369 46.96 -1.25 2.57
N GLU B 370 46.28 -2.33 2.96
CA GLU B 370 46.80 -3.35 3.91
C GLU B 370 47.95 -4.13 3.25
N GLU B 371 48.87 -4.68 4.07
CA GLU B 371 49.97 -5.59 3.65
C GLU B 371 49.48 -7.04 3.75
N GLN B 372 49.86 -7.90 2.81
CA GLN B 372 49.36 -9.31 2.71
C GLN B 372 50.56 -10.26 2.48
N SER B 373 50.35 -11.58 2.65
CA SER B 373 51.35 -12.65 2.42
C SER B 373 52.15 -12.37 1.14
CA ASP B 376 47.93 -15.39 0.99
C ASP B 376 47.78 -13.93 0.54
N ALA B 377 48.23 -13.61 -0.68
CA ALA B 377 48.27 -12.25 -1.28
C ALA B 377 48.15 -12.32 -2.80
N GLU B 378 48.73 -13.35 -3.41
CA GLU B 378 48.41 -13.83 -4.79
C GLU B 378 46.90 -14.01 -4.90
N ASP B 379 46.23 -14.38 -3.79
CA ASP B 379 44.77 -14.72 -3.70
C ASP B 379 43.92 -13.52 -4.17
N GLY B 380 44.45 -12.28 -4.16
CA GLY B 380 43.77 -11.07 -4.64
C GLY B 380 44.05 -9.86 -3.75
N PRO B 381 43.60 -8.64 -4.11
CA PRO B 381 43.91 -7.45 -3.31
C PRO B 381 43.23 -7.49 -1.95
N PRO B 382 43.72 -6.75 -0.94
CA PRO B 382 43.24 -6.94 0.43
C PRO B 382 41.79 -6.46 0.62
N GLU B 383 41.32 -5.51 -0.19
CA GLU B 383 39.96 -4.92 -0.10
C GLU B 383 38.93 -5.86 -0.74
N LEU B 384 39.34 -7.01 -1.25
CA LEU B 384 38.41 -8.00 -1.85
C LEU B 384 38.03 -8.97 -0.75
N LEU B 385 36.83 -8.80 -0.21
CA LEU B 385 36.32 -9.58 0.94
C LEU B 385 35.89 -10.96 0.48
N PHE B 386 35.19 -11.05 -0.64
CA PHE B 386 34.43 -12.27 -1.00
C PHE B 386 34.15 -12.25 -2.50
N ILE B 387 34.34 -13.40 -3.12
CA ILE B 387 33.91 -13.72 -4.50
C ILE B 387 32.81 -14.76 -4.40
N HIS B 388 31.60 -14.40 -4.82
CA HIS B 388 30.47 -15.32 -5.04
C HIS B 388 30.60 -15.93 -6.45
N GLY B 389 30.80 -17.24 -6.53
CA GLY B 389 30.89 -17.98 -7.81
C GLY B 389 29.77 -18.99 -8.00
N GLY B 390 28.61 -18.75 -7.39
CA GLY B 390 27.43 -19.63 -7.43
C GLY B 390 26.76 -19.66 -8.80
N HIS B 391 26.94 -18.61 -9.61
CA HIS B 391 26.28 -18.48 -10.93
C HIS B 391 27.18 -19.04 -12.02
N THR B 392 26.61 -19.82 -12.95
CA THR B 392 27.27 -20.37 -14.15
C THR B 392 26.86 -19.59 -15.39
N ALA B 393 26.24 -18.42 -15.24
CA ALA B 393 25.90 -17.51 -16.35
C ALA B 393 26.08 -16.07 -15.88
N LYS B 394 26.10 -15.13 -16.83
CA LYS B 394 26.34 -13.69 -16.55
C LYS B 394 25.29 -13.23 -15.55
N ILE B 395 25.70 -12.45 -14.56
CA ILE B 395 24.80 -11.89 -13.52
C ILE B 395 24.23 -10.57 -14.04
N SER B 396 22.91 -10.40 -13.98
CA SER B 396 22.21 -9.22 -14.53
C SER B 396 22.04 -8.17 -13.42
N ASP B 397 21.61 -8.61 -12.23
CA ASP B 397 21.22 -7.68 -11.13
C ASP B 397 21.42 -8.39 -9.80
N PHE B 398 21.55 -7.63 -8.71
CA PHE B 398 21.48 -8.19 -7.35
C PHE B 398 20.94 -7.13 -6.40
N SER B 399 20.50 -7.55 -5.22
CA SER B 399 19.91 -6.66 -4.21
C SER B 399 20.34 -7.13 -2.83
N TRP B 400 20.82 -6.20 -2.01
CA TRP B 400 21.14 -6.45 -0.58
C TRP B 400 19.81 -6.46 0.20
N ASN B 401 19.55 -7.51 0.95
CA ASN B 401 18.37 -7.61 1.85
C ASN B 401 18.44 -6.48 2.89
N PRO B 402 17.44 -5.57 2.95
CA PRO B 402 17.47 -4.44 3.86
C PRO B 402 17.21 -4.83 5.33
N ASN B 403 16.67 -6.02 5.56
CA ASN B 403 16.21 -6.48 6.90
C ASN B 403 17.20 -7.49 7.49
N GLU B 404 17.95 -8.23 6.66
CA GLU B 404 18.84 -9.32 7.12
C GLU B 404 20.27 -9.00 6.67
N PRO B 405 21.11 -8.44 7.55
CA PRO B 405 22.49 -8.10 7.20
C PRO B 405 23.23 -9.21 6.46
N TRP B 406 23.89 -8.83 5.37
CA TRP B 406 24.77 -9.72 4.54
C TRP B 406 23.99 -10.70 3.65
N VAL B 407 22.66 -10.70 3.67
CA VAL B 407 21.87 -11.52 2.69
C VAL B 407 21.79 -10.77 1.36
N ILE B 408 22.12 -11.45 0.27
CA ILE B 408 22.03 -10.90 -1.12
C ILE B 408 21.15 -11.83 -1.96
N CYS B 409 20.35 -11.24 -2.85
CA CYS B 409 19.69 -11.94 -3.97
C CYS B 409 20.38 -11.51 -5.27
N SER B 410 20.87 -12.48 -6.04
CA SER B 410 21.53 -12.27 -7.35
C SER B 410 20.85 -13.12 -8.43
N VAL B 411 20.68 -12.57 -9.63
CA VAL B 411 19.95 -13.26 -10.76
C VAL B 411 20.85 -13.28 -11.98
N SER B 412 20.83 -14.40 -12.73
CA SER B 412 21.71 -14.63 -13.91
C SER B 412 20.90 -14.98 -15.16
N GLU B 413 21.54 -14.88 -16.32
CA GLU B 413 20.90 -14.95 -17.66
C GLU B 413 20.38 -16.35 -17.98
N ASP B 414 20.76 -17.34 -17.18
CA ASP B 414 20.34 -18.76 -17.38
C ASP B 414 19.00 -19.02 -16.70
N ASN B 415 18.50 -18.10 -15.87
CA ASN B 415 17.19 -18.16 -15.15
C ASN B 415 17.38 -18.42 -13.64
N ILE B 416 18.63 -18.59 -13.19
CA ILE B 416 18.96 -18.85 -11.74
C ILE B 416 18.80 -17.56 -10.92
N MET B 417 18.16 -17.71 -9.78
CA MET B 417 18.11 -16.76 -8.64
C MET B 417 18.79 -17.45 -7.47
N GLN B 418 19.71 -16.75 -6.80
CA GLN B 418 20.33 -17.24 -5.56
C GLN B 418 20.09 -16.24 -4.45
N VAL B 419 19.79 -16.74 -3.27
CA VAL B 419 19.67 -15.93 -2.04
C VAL B 419 20.69 -16.50 -1.07
N TRP B 420 21.67 -15.70 -0.69
CA TRP B 420 22.87 -16.25 -0.06
C TRP B 420 23.46 -15.27 0.93
N GLN B 421 24.23 -15.81 1.85
CA GLN B 421 24.90 -15.01 2.89
C GLN B 421 26.27 -15.66 3.13
N MET B 422 27.34 -14.91 2.96
CA MET B 422 28.70 -15.43 3.23
C MET B 422 28.85 -15.73 4.73
N ALA B 423 29.78 -16.64 5.05
CA ALA B 423 30.08 -17.10 6.43
C ALA B 423 30.45 -15.89 7.27
N GLU B 424 29.89 -15.79 8.49
CA GLU B 424 30.12 -14.67 9.44
C GLU B 424 31.63 -14.49 9.68
N ASN B 425 32.38 -15.59 9.69
CA ASN B 425 33.84 -15.56 10.03
C ASN B 425 34.60 -14.86 8.92
N ILE B 426 34.00 -14.62 7.74
CA ILE B 426 34.67 -13.90 6.62
C ILE B 426 34.57 -12.38 6.86
N TYR B 427 33.47 -11.87 7.42
CA TYR B 427 33.37 -10.44 7.83
C TYR B 427 33.46 -10.28 9.37
N ASN B 428 33.66 -11.37 10.14
CA ASN B 428 33.94 -11.33 11.61
C ASN B 428 34.93 -12.44 11.97
#